data_6SBJ
#
_entry.id   6SBJ
#
_cell.length_a   52.401
_cell.length_b   69.959
_cell.length_c   107.557
_cell.angle_alpha   90.000
_cell.angle_beta   92.250
_cell.angle_gamma   90.000
#
_symmetry.space_group_name_H-M   'P 1 21 1'
#
loop_
_entity.id
_entity.type
_entity.pdbx_description
1 polymer 'Acylpyruvase FAHD1, mitochondrial'
2 non-polymer 'MAGNESIUM ION'
3 non-polymer 'CHLORIDE ION'
4 water water
#
_entity_poly.entity_id   1
_entity_poly.type   'polypeptide(L)'
_entity_poly.pdbx_seq_one_letter_code
;MHHHHHHSSGLVPRGSGMKETAAAKFERQHMDSPDLGTMTQSCTMASTKPLSRFWEWGKNIVCVGRNYADHVKEMRSTVL
SEPVLFLKPSTAYAPEGSPVLMPAYCRNLHHEVELGVLLGKRGEAIPEAAAMDYVAGYALCLDMTARDVQEECKKKGLPW
TLAKSFTSSCPVSAFVPKEKIPDPHALRLWLKVNGELRQEGKTSSMIFSIPYIISYVSKIITLEEGDLILTGTPKGVGPI
KENDEIEAGIDGVVSMRFKVKRSEY
;
_entity_poly.pdbx_strand_id   A,B,C,D
#
loop_
_chem_comp.id
_chem_comp.type
_chem_comp.name
_chem_comp.formula
CL non-polymer 'CHLORIDE ION' 'Cl -1'
MG non-polymer 'MAGNESIUM ION' 'Mg 2'
#
# COMPACT_ATOMS: atom_id res chain seq x y z
N THR A 48 -15.86 -2.71 1.25
CA THR A 48 -16.18 -3.59 0.10
C THR A 48 -15.14 -4.70 0.02
N LYS A 49 -15.38 -5.67 -0.88
CA LYS A 49 -14.55 -6.89 -1.05
C LYS A 49 -14.26 -7.08 -2.53
N PRO A 50 -13.39 -6.23 -3.10
CA PRO A 50 -12.99 -6.34 -4.50
C PRO A 50 -12.27 -7.64 -4.78
N LEU A 51 -12.63 -8.36 -5.84
CA LEU A 51 -11.85 -9.57 -6.26
C LEU A 51 -10.41 -9.16 -6.58
N SER A 52 -10.19 -7.92 -7.00
CA SER A 52 -8.85 -7.37 -7.31
C SER A 52 -7.92 -7.43 -6.07
N ARG A 53 -8.51 -7.50 -4.87
CA ARG A 53 -7.80 -7.56 -3.57
C ARG A 53 -8.26 -8.76 -2.75
N PHE A 54 -8.42 -9.91 -3.41
CA PHE A 54 -9.08 -11.11 -2.85
C PHE A 54 -8.33 -11.57 -1.60
N TRP A 55 -7.02 -11.38 -1.54
CA TRP A 55 -6.18 -11.81 -0.38
C TRP A 55 -6.57 -11.06 0.89
N GLU A 56 -7.15 -9.87 0.78
CA GLU A 56 -7.51 -9.06 1.98
C GLU A 56 -8.67 -9.72 2.72
N TRP A 57 -9.59 -10.36 2.00
CA TRP A 57 -10.88 -10.80 2.58
C TRP A 57 -11.15 -12.30 2.35
N GLY A 58 -10.47 -12.94 1.40
CA GLY A 58 -10.65 -14.39 1.12
C GLY A 58 -10.41 -15.24 2.35
N LYS A 59 -11.29 -16.22 2.55
CA LYS A 59 -11.31 -17.05 3.78
C LYS A 59 -10.38 -18.27 3.67
N ASN A 60 -10.45 -18.99 2.57
CA ASN A 60 -9.85 -20.35 2.45
C ASN A 60 -8.89 -20.39 1.26
N ILE A 61 -7.82 -21.17 1.40
CA ILE A 61 -6.92 -21.56 0.27
C ILE A 61 -6.86 -23.08 0.28
N VAL A 62 -7.09 -23.73 -0.86
CA VAL A 62 -6.96 -25.19 -1.05
C VAL A 62 -5.82 -25.43 -2.04
N CYS A 63 -4.95 -26.40 -1.80
CA CYS A 63 -3.77 -26.68 -2.68
C CYS A 63 -3.76 -28.15 -3.03
N VAL A 64 -3.42 -28.46 -4.28
CA VAL A 64 -3.31 -29.88 -4.70
C VAL A 64 -1.86 -30.30 -4.42
N GLY A 65 -1.67 -31.61 -4.35
CA GLY A 65 -0.35 -32.22 -4.21
C GLY A 65 0.41 -31.96 -5.47
N ARG A 66 1.01 -33.03 -5.99
CA ARG A 66 1.71 -33.07 -7.29
C ARG A 66 0.61 -33.20 -8.35
N ASN A 67 0.54 -32.20 -9.23
CA ASN A 67 -0.40 -32.17 -10.38
C ASN A 67 0.33 -31.93 -11.70
N TYR A 68 1.65 -32.02 -11.75
CA TYR A 68 2.39 -31.92 -13.03
C TYR A 68 3.14 -33.23 -13.31
N ALA A 69 3.01 -33.64 -14.55
CA ALA A 69 3.57 -34.86 -15.15
C ALA A 69 4.97 -34.60 -15.70
N ASP A 70 5.62 -33.47 -15.36
CA ASP A 70 6.96 -33.10 -15.90
C ASP A 70 8.10 -33.30 -14.88
N HIS A 71 7.92 -34.10 -13.82
CA HIS A 71 8.95 -34.32 -12.76
C HIS A 71 8.39 -35.33 -11.75
N VAL A 72 9.21 -35.81 -10.80
CA VAL A 72 8.82 -36.83 -9.77
C VAL A 72 8.93 -36.33 -8.31
N LYS A 73 9.78 -35.34 -8.00
N LYS A 73 9.68 -35.24 -8.04
CA LYS A 73 9.95 -34.81 -6.61
CA LYS A 73 9.75 -34.54 -6.71
C LYS A 73 8.66 -34.06 -6.20
C LYS A 73 8.44 -34.77 -5.92
N VAL A 79 -7.52 -45.54 -11.66
CA VAL A 79 -6.15 -46.05 -11.32
C VAL A 79 -5.15 -44.89 -11.08
N LEU A 80 -5.22 -43.73 -11.74
CA LEU A 80 -4.59 -42.47 -11.16
C LEU A 80 -5.24 -42.23 -9.79
N SER A 81 -4.48 -42.09 -8.69
CA SER A 81 -5.09 -41.75 -7.36
C SER A 81 -5.57 -40.28 -7.38
N GLU A 82 -6.75 -40.00 -6.80
CA GLU A 82 -7.28 -38.62 -6.65
C GLU A 82 -6.18 -37.65 -6.22
N PRO A 83 -6.34 -36.34 -6.53
CA PRO A 83 -5.37 -35.34 -6.08
C PRO A 83 -5.36 -35.25 -4.55
N VAL A 84 -4.16 -35.22 -3.99
CA VAL A 84 -3.94 -34.88 -2.57
C VAL A 84 -4.34 -33.41 -2.42
N LEU A 85 -5.04 -33.11 -1.33
CA LEU A 85 -5.46 -31.71 -0.97
C LEU A 85 -4.92 -31.37 0.41
N PHE A 86 -4.48 -30.13 0.54
CA PHE A 86 -4.22 -29.51 1.86
C PHE A 86 -4.60 -28.04 1.81
N LEU A 87 -4.77 -27.49 3.01
CA LEU A 87 -5.29 -26.14 3.27
C LEU A 87 -4.15 -25.22 3.66
N LYS A 88 -4.24 -23.96 3.28
CA LYS A 88 -3.50 -22.83 3.91
C LYS A 88 -4.52 -21.88 4.53
N PRO A 89 -4.16 -21.23 5.66
CA PRO A 89 -5.01 -20.22 6.28
C PRO A 89 -4.97 -18.93 5.46
N SER A 90 -5.88 -18.01 5.71
CA SER A 90 -5.99 -16.71 5.02
C SER A 90 -4.68 -15.95 5.22
N THR A 91 -4.01 -16.15 6.37
CA THR A 91 -2.80 -15.40 6.78
C THR A 91 -1.56 -16.00 6.12
N ALA A 92 -1.72 -17.04 5.30
CA ALA A 92 -0.67 -17.51 4.37
C ALA A 92 -0.43 -16.47 3.28
N TYR A 93 -1.44 -15.71 2.88
CA TYR A 93 -1.30 -14.72 1.78
C TYR A 93 -0.19 -13.72 2.11
N ALA A 94 0.76 -13.61 1.18
CA ALA A 94 1.80 -12.58 1.12
C ALA A 94 1.58 -11.81 -0.18
N PRO A 95 0.69 -10.79 -0.20
CA PRO A 95 0.50 -9.99 -1.40
C PRO A 95 1.78 -9.29 -1.82
N GLU A 96 1.94 -9.07 -3.12
CA GLU A 96 3.18 -8.43 -3.65
C GLU A 96 3.34 -7.12 -2.87
N GLY A 97 4.58 -6.85 -2.43
CA GLY A 97 4.93 -5.84 -1.42
C GLY A 97 5.30 -6.46 -0.07
N SER A 98 4.74 -7.64 0.24
CA SER A 98 5.09 -8.48 1.41
C SER A 98 6.35 -9.26 1.10
N PRO A 99 7.26 -9.45 2.10
CA PRO A 99 8.27 -10.49 2.01
C PRO A 99 7.68 -11.87 2.35
N VAL A 100 8.34 -12.92 1.86
CA VAL A 100 8.18 -14.31 2.36
C VAL A 100 8.95 -14.41 3.69
N LEU A 101 8.30 -14.83 4.78
CA LEU A 101 8.93 -14.98 6.11
C LEU A 101 9.25 -16.46 6.35
N MET A 102 10.54 -16.79 6.44
CA MET A 102 11.04 -18.13 6.80
C MET A 102 10.63 -18.40 8.26
N PRO A 103 9.78 -19.41 8.52
CA PRO A 103 9.51 -19.80 9.89
C PRO A 103 10.80 -20.19 10.61
N ALA A 104 10.89 -19.90 11.91
CA ALA A 104 12.06 -20.23 12.78
C ALA A 104 12.43 -21.71 12.66
N TYR A 105 11.43 -22.60 12.56
CA TYR A 105 11.57 -24.08 12.63
C TYR A 105 12.04 -24.67 11.29
N CYS A 106 12.14 -23.84 10.25
CA CYS A 106 12.33 -24.28 8.84
C CYS A 106 13.82 -24.38 8.48
N ARG A 107 14.26 -25.53 7.95
N ARG A 107 14.25 -25.53 7.94
CA ARG A 107 15.68 -25.77 7.55
CA ARG A 107 15.67 -25.80 7.55
C ARG A 107 15.83 -25.77 6.02
C ARG A 107 15.82 -25.78 6.03
N ASN A 108 14.75 -26.14 5.30
CA ASN A 108 14.79 -26.45 3.85
C ASN A 108 13.50 -25.89 3.21
N LEU A 109 13.41 -24.56 3.08
CA LEU A 109 12.29 -23.86 2.42
C LEU A 109 12.39 -24.06 0.91
N HIS A 110 11.32 -24.54 0.29
CA HIS A 110 11.19 -24.76 -1.17
C HIS A 110 10.20 -23.76 -1.75
N HIS A 111 10.50 -23.23 -2.95
CA HIS A 111 9.52 -22.54 -3.84
C HIS A 111 8.77 -23.58 -4.67
N GLU A 112 7.48 -23.28 -4.91
CA GLU A 112 6.58 -23.99 -5.84
C GLU A 112 5.76 -22.90 -6.55
N VAL A 113 6.09 -22.51 -7.78
CA VAL A 113 5.27 -21.58 -8.60
C VAL A 113 4.04 -22.40 -9.02
N GLU A 114 2.86 -21.80 -8.84
CA GLU A 114 1.55 -22.47 -9.08
C GLU A 114 0.57 -21.46 -9.65
N LEU A 115 -0.28 -21.90 -10.57
CA LEU A 115 -1.47 -21.12 -10.99
C LEU A 115 -2.54 -21.26 -9.93
N GLY A 116 -3.00 -20.14 -9.37
CA GLY A 116 -4.11 -20.06 -8.41
C GLY A 116 -5.40 -19.77 -9.16
N VAL A 117 -6.48 -20.48 -8.81
CA VAL A 117 -7.82 -20.28 -9.42
C VAL A 117 -8.73 -19.69 -8.35
N LEU A 118 -9.24 -18.49 -8.60
CA LEU A 118 -10.08 -17.75 -7.63
C LEU A 118 -11.54 -18.10 -7.96
N LEU A 119 -12.32 -18.49 -6.97
CA LEU A 119 -13.77 -18.67 -7.13
C LEU A 119 -14.48 -17.34 -6.93
N GLY A 120 -15.39 -17.03 -7.86
CA GLY A 120 -16.28 -15.85 -7.77
C GLY A 120 -17.51 -16.09 -6.90
N LYS A 121 -17.99 -17.35 -6.86
CA LYS A 121 -19.32 -17.79 -6.37
C LYS A 121 -19.25 -18.98 -5.42
N ARG A 122 -20.15 -19.05 -4.44
CA ARG A 122 -20.40 -20.23 -3.56
C ARG A 122 -20.46 -21.46 -4.48
N GLY A 123 -19.77 -22.55 -4.15
CA GLY A 123 -19.93 -23.80 -4.90
C GLY A 123 -19.89 -24.99 -3.99
N GLU A 124 -20.96 -25.82 -4.02
CA GLU A 124 -21.00 -27.19 -3.44
C GLU A 124 -21.20 -28.23 -4.54
N ALA A 125 -20.47 -29.35 -4.48
CA ALA A 125 -20.54 -30.47 -5.43
C ALA A 125 -20.74 -29.95 -6.86
N ILE A 126 -19.90 -29.03 -7.29
CA ILE A 126 -19.94 -28.41 -8.64
C ILE A 126 -19.65 -29.50 -9.66
N PRO A 127 -20.50 -29.70 -10.69
CA PRO A 127 -20.12 -30.56 -11.80
C PRO A 127 -18.91 -29.96 -12.54
N GLU A 128 -18.02 -30.83 -13.01
CA GLU A 128 -16.84 -30.51 -13.85
C GLU A 128 -17.23 -29.66 -15.06
N ALA A 129 -18.37 -29.95 -15.69
CA ALA A 129 -18.85 -29.25 -16.90
C ALA A 129 -19.25 -27.80 -16.58
N ALA A 130 -19.65 -27.52 -15.34
CA ALA A 130 -20.08 -26.19 -14.84
C ALA A 130 -18.91 -25.44 -14.16
N ALA A 131 -17.85 -26.15 -13.81
CA ALA A 131 -16.84 -25.68 -12.83
C ALA A 131 -16.32 -24.28 -13.22
N MET A 132 -16.04 -24.07 -14.50
CA MET A 132 -15.37 -22.85 -14.98
C MET A 132 -16.31 -21.65 -14.85
N ASP A 133 -17.62 -21.87 -14.67
CA ASP A 133 -18.60 -20.76 -14.48
C ASP A 133 -18.42 -20.17 -13.08
N TYR A 134 -17.75 -20.88 -12.16
CA TYR A 134 -17.57 -20.48 -10.74
C TYR A 134 -16.27 -19.71 -10.56
N VAL A 135 -15.46 -19.60 -11.63
CA VAL A 135 -14.11 -18.97 -11.62
C VAL A 135 -14.22 -17.46 -11.94
N ALA A 136 -13.66 -16.63 -11.08
CA ALA A 136 -13.62 -15.16 -11.26
C ALA A 136 -12.34 -14.83 -12.02
N GLY A 137 -11.25 -15.54 -11.71
CA GLY A 137 -10.00 -15.39 -12.46
C GLY A 137 -8.88 -16.16 -11.81
N TYR A 138 -7.68 -15.60 -11.86
CA TYR A 138 -6.43 -16.31 -11.53
C TYR A 138 -5.52 -15.40 -10.71
N ALA A 139 -4.54 -16.01 -10.04
CA ALA A 139 -3.34 -15.34 -9.49
C ALA A 139 -2.15 -16.28 -9.60
N LEU A 140 -0.96 -15.72 -9.87
CA LEU A 140 0.30 -16.49 -9.75
C LEU A 140 0.65 -16.56 -8.27
N CYS A 141 0.94 -17.74 -7.77
CA CYS A 141 1.17 -18.03 -6.33
C CYS A 141 2.47 -18.80 -6.18
N LEU A 142 3.01 -18.79 -4.96
CA LEU A 142 4.07 -19.73 -4.54
C LEU A 142 3.51 -20.57 -3.41
N ASP A 143 3.56 -21.89 -3.56
CA ASP A 143 3.20 -22.83 -2.47
C ASP A 143 4.50 -23.06 -1.68
N MET A 144 4.83 -22.14 -0.79
CA MET A 144 6.09 -22.15 -0.03
C MET A 144 6.01 -23.33 0.94
N THR A 145 7.06 -24.16 0.93
CA THR A 145 7.04 -25.49 1.58
C THR A 145 8.30 -25.70 2.42
N ALA A 146 8.13 -26.01 3.69
CA ALA A 146 9.19 -26.53 4.58
C ALA A 146 9.33 -28.03 4.29
N ARG A 147 10.22 -28.38 3.35
N ARG A 147 10.22 -28.38 3.35
CA ARG A 147 10.35 -29.72 2.74
CA ARG A 147 10.34 -29.73 2.73
C ARG A 147 10.73 -30.77 3.79
C ARG A 147 10.73 -30.77 3.79
N ASP A 148 11.68 -30.46 4.68
CA ASP A 148 12.16 -31.43 5.69
C ASP A 148 11.03 -31.70 6.70
N VAL A 149 10.35 -30.64 7.11
CA VAL A 149 9.19 -30.73 8.05
C VAL A 149 8.15 -31.63 7.38
N GLN A 150 7.98 -31.50 6.07
CA GLN A 150 6.98 -32.32 5.33
C GLN A 150 7.34 -33.79 5.43
N GLU A 151 8.63 -34.10 5.28
CA GLU A 151 9.14 -35.49 5.41
C GLU A 151 8.80 -35.99 6.81
N GLU A 152 8.98 -35.17 7.83
CA GLU A 152 8.65 -35.53 9.24
C GLU A 152 7.14 -35.81 9.39
N CYS A 153 6.30 -35.02 8.73
CA CYS A 153 4.82 -35.08 8.86
C CYS A 153 4.36 -36.40 8.23
N LYS A 154 4.84 -36.67 6.99
CA LYS A 154 4.63 -37.93 6.24
C LYS A 154 5.04 -39.14 7.08
N LYS A 155 6.26 -39.14 7.64
CA LYS A 155 6.82 -40.25 8.45
C LYS A 155 5.93 -40.61 9.64
N LYS A 156 5.45 -39.61 10.39
CA LYS A 156 4.60 -39.80 11.61
C LYS A 156 3.12 -39.99 11.26
N GLY A 157 2.71 -39.74 10.02
CA GLY A 157 1.30 -39.78 9.59
C GLY A 157 0.47 -38.66 10.20
N LEU A 158 1.10 -37.50 10.42
CA LEU A 158 0.47 -36.29 11.01
C LEU A 158 0.06 -35.35 9.90
N PRO A 159 -0.75 -34.31 10.21
CA PRO A 159 -1.10 -33.28 9.24
C PRO A 159 0.15 -32.53 8.75
N TRP A 160 0.04 -31.94 7.56
CA TRP A 160 1.12 -31.26 6.81
C TRP A 160 1.16 -29.77 7.15
N THR A 161 0.45 -29.36 8.19
CA THR A 161 0.22 -27.95 8.59
C THR A 161 1.55 -27.19 8.72
N LEU A 162 2.48 -27.67 9.52
CA LEU A 162 3.75 -26.93 9.75
C LEU A 162 4.54 -26.88 8.45
N ALA A 163 4.35 -27.84 7.54
CA ALA A 163 5.09 -27.90 6.26
C ALA A 163 4.52 -26.93 5.23
N LYS A 164 3.19 -26.71 5.23
CA LYS A 164 2.49 -26.07 4.11
C LYS A 164 1.68 -24.83 4.47
N SER A 165 1.40 -24.56 5.75
CA SER A 165 0.30 -23.65 6.20
C SER A 165 0.78 -22.54 7.10
N PHE A 166 2.06 -22.20 7.07
CA PHE A 166 2.61 -21.14 7.96
C PHE A 166 2.22 -19.75 7.41
N THR A 167 2.41 -18.73 8.24
CA THR A 167 2.31 -17.30 7.87
C THR A 167 3.20 -17.08 6.64
N SER A 168 2.64 -16.41 5.63
CA SER A 168 3.28 -16.00 4.35
C SER A 168 3.63 -17.21 3.44
N SER A 169 3.05 -18.39 3.69
CA SER A 169 3.27 -19.61 2.88
C SER A 169 2.60 -19.53 1.51
N CYS A 170 1.91 -18.42 1.18
CA CYS A 170 1.22 -18.24 -0.12
C CYS A 170 1.42 -16.82 -0.68
N PRO A 171 2.66 -16.45 -1.06
CA PRO A 171 2.89 -15.26 -1.88
C PRO A 171 1.96 -15.24 -3.10
N VAL A 172 1.44 -14.07 -3.47
CA VAL A 172 0.33 -13.99 -4.46
C VAL A 172 0.51 -12.74 -5.35
N SER A 173 0.37 -12.88 -6.66
CA SER A 173 0.46 -11.79 -7.69
C SER A 173 -0.79 -10.89 -7.64
N ALA A 174 -0.82 -9.84 -8.46
CA ALA A 174 -2.06 -9.09 -8.79
C ALA A 174 -3.11 -10.08 -9.33
N PHE A 175 -4.39 -9.89 -8.99
CA PHE A 175 -5.53 -10.65 -9.56
C PHE A 175 -5.52 -10.50 -11.09
N VAL A 176 -5.72 -11.60 -11.81
CA VAL A 176 -5.89 -11.64 -13.28
C VAL A 176 -7.34 -12.02 -13.58
N PRO A 177 -8.17 -11.11 -14.12
CA PRO A 177 -9.56 -11.45 -14.49
C PRO A 177 -9.62 -12.62 -15.48
N LYS A 178 -10.64 -13.47 -15.36
CA LYS A 178 -10.85 -14.69 -16.22
C LYS A 178 -10.73 -14.36 -17.72
N GLU A 179 -11.31 -13.22 -18.13
CA GLU A 179 -11.26 -12.65 -19.50
C GLU A 179 -9.84 -12.72 -20.09
N LYS A 180 -8.81 -12.40 -19.29
CA LYS A 180 -7.40 -12.27 -19.76
C LYS A 180 -6.80 -13.66 -20.05
N ILE A 181 -7.47 -14.74 -19.62
CA ILE A 181 -6.97 -16.14 -19.81
C ILE A 181 -8.05 -16.98 -20.48
N PRO A 182 -8.13 -16.92 -21.82
CA PRO A 182 -9.00 -17.80 -22.59
C PRO A 182 -8.76 -19.28 -22.25
N ASP A 183 -7.49 -19.71 -22.09
CA ASP A 183 -7.16 -21.14 -21.82
C ASP A 183 -6.15 -21.26 -20.69
N PRO A 184 -6.62 -21.60 -19.48
CA PRO A 184 -5.72 -21.85 -18.35
C PRO A 184 -4.72 -22.99 -18.56
N HIS A 185 -4.99 -23.92 -19.47
CA HIS A 185 -4.11 -25.09 -19.75
C HIS A 185 -3.13 -24.80 -20.90
N ALA A 186 -2.92 -23.54 -21.27
CA ALA A 186 -2.04 -23.12 -22.37
C ALA A 186 -1.16 -21.96 -21.88
N LEU A 187 -0.69 -22.03 -20.65
CA LEU A 187 0.12 -20.98 -20.00
C LEU A 187 1.52 -21.52 -19.75
N ARG A 188 2.51 -20.63 -19.77
CA ARG A 188 3.88 -20.94 -19.26
C ARG A 188 4.04 -20.23 -17.91
N LEU A 189 4.37 -20.98 -16.86
CA LEU A 189 4.81 -20.45 -15.56
C LEU A 189 6.33 -20.48 -15.54
N TRP A 190 6.96 -19.48 -14.93
CA TRP A 190 8.43 -19.45 -14.72
C TRP A 190 8.75 -18.85 -13.36
N LEU A 191 9.86 -19.25 -12.77
CA LEU A 191 10.39 -18.70 -11.50
C LEU A 191 11.91 -18.59 -11.59
N LYS A 192 12.43 -17.42 -11.21
CA LYS A 192 13.87 -17.14 -11.07
C LYS A 192 14.19 -16.90 -9.59
N VAL A 193 15.37 -17.34 -9.17
CA VAL A 193 15.97 -17.02 -7.86
C VAL A 193 17.25 -16.25 -8.15
N ASN A 194 17.35 -15.02 -7.64
CA ASN A 194 18.57 -14.19 -7.78
C ASN A 194 18.94 -14.11 -9.27
N GLY A 195 17.95 -13.91 -10.14
CA GLY A 195 18.21 -13.75 -11.59
C GLY A 195 18.30 -15.08 -12.36
N GLU A 196 18.33 -16.22 -11.68
CA GLU A 196 18.62 -17.54 -12.30
C GLU A 196 17.34 -18.37 -12.41
N LEU A 197 16.98 -18.78 -13.63
CA LEU A 197 15.75 -19.56 -13.90
C LEU A 197 15.82 -20.88 -13.12
N ARG A 198 14.77 -21.24 -12.37
CA ARG A 198 14.74 -22.46 -11.54
C ARG A 198 13.53 -23.32 -11.94
N GLN A 199 12.35 -22.71 -12.14
CA GLN A 199 11.16 -23.46 -12.61
C GLN A 199 10.66 -22.85 -13.89
N GLU A 200 10.30 -23.70 -14.83
CA GLU A 200 9.57 -23.35 -16.07
C GLU A 200 8.76 -24.58 -16.44
N GLY A 201 7.57 -24.37 -17.00
CA GLY A 201 6.67 -25.46 -17.39
C GLY A 201 5.35 -24.90 -17.90
N LYS A 202 4.62 -25.74 -18.64
CA LYS A 202 3.32 -25.40 -19.25
C LYS A 202 2.20 -26.00 -18.39
N THR A 203 1.09 -25.29 -18.24
CA THR A 203 -0.11 -25.81 -17.55
C THR A 203 -0.78 -26.90 -18.39
N SER A 204 -0.34 -27.15 -19.61
CA SER A 204 -0.76 -28.34 -20.41
C SER A 204 -0.15 -29.62 -19.83
N SER A 205 0.84 -29.53 -18.93
CA SER A 205 1.51 -30.67 -18.26
C SER A 205 0.73 -31.10 -17.01
N MET A 206 -0.38 -30.43 -16.68
CA MET A 206 -1.22 -30.79 -15.50
C MET A 206 -1.81 -32.20 -15.66
N ILE A 207 -1.83 -32.98 -14.59
CA ILE A 207 -2.38 -34.35 -14.57
C ILE A 207 -3.92 -34.27 -14.49
N PHE A 208 -4.46 -33.48 -13.54
CA PHE A 208 -5.91 -33.20 -13.41
C PHE A 208 -6.17 -31.76 -13.84
N SER A 209 -7.21 -31.60 -14.64
CA SER A 209 -7.59 -30.33 -15.26
C SER A 209 -8.12 -29.41 -14.16
N ILE A 210 -8.16 -28.12 -14.45
CA ILE A 210 -8.74 -27.14 -13.49
C ILE A 210 -10.22 -27.42 -13.25
N PRO A 211 -11.07 -27.67 -14.27
CA PRO A 211 -12.46 -28.00 -14.00
C PRO A 211 -12.55 -29.25 -13.13
N TYR A 212 -11.69 -30.26 -13.36
CA TYR A 212 -11.66 -31.50 -12.54
C TYR A 212 -11.38 -31.13 -11.09
N ILE A 213 -10.33 -30.32 -10.85
CA ILE A 213 -9.87 -29.97 -9.48
C ILE A 213 -10.97 -29.22 -8.73
N ILE A 214 -11.57 -28.22 -9.37
CA ILE A 214 -12.66 -27.41 -8.75
C ILE A 214 -13.80 -28.34 -8.35
N SER A 215 -14.14 -29.28 -9.21
CA SER A 215 -15.26 -30.23 -9.04
C SER A 215 -14.96 -31.11 -7.83
N TYR A 216 -13.80 -31.75 -7.85
CA TYR A 216 -13.41 -32.72 -6.81
C TYR A 216 -13.37 -32.00 -5.47
N VAL A 217 -12.62 -30.89 -5.38
CA VAL A 217 -12.52 -30.06 -4.15
C VAL A 217 -13.92 -29.72 -3.61
N SER A 218 -14.82 -29.20 -4.45
CA SER A 218 -16.16 -28.72 -4.02
C SER A 218 -17.06 -29.88 -3.51
N LYS A 219 -16.81 -31.11 -3.94
CA LYS A 219 -17.51 -32.33 -3.45
C LYS A 219 -17.09 -32.64 -2.00
N ILE A 220 -15.90 -32.20 -1.56
CA ILE A 220 -15.36 -32.43 -0.18
C ILE A 220 -15.55 -31.18 0.69
N ILE A 221 -15.19 -30.02 0.14
CA ILE A 221 -15.20 -28.68 0.80
C ILE A 221 -16.02 -27.70 -0.05
N THR A 222 -17.14 -27.19 0.46
CA THR A 222 -17.86 -26.05 -0.16
C THR A 222 -16.84 -24.89 -0.33
N LEU A 223 -16.78 -24.29 -1.51
CA LEU A 223 -15.95 -23.11 -1.78
C LEU A 223 -16.78 -21.83 -1.68
N GLU A 224 -16.27 -20.79 -1.04
CA GLU A 224 -16.91 -19.47 -0.94
C GLU A 224 -16.34 -18.55 -2.02
N GLU A 225 -17.08 -17.50 -2.34
CA GLU A 225 -16.63 -16.25 -2.98
C GLU A 225 -15.24 -15.92 -2.46
N GLY A 226 -14.20 -15.85 -3.29
CA GLY A 226 -12.87 -15.39 -2.84
C GLY A 226 -11.93 -16.52 -2.36
N ASP A 227 -12.41 -17.76 -2.21
CA ASP A 227 -11.57 -18.96 -2.00
C ASP A 227 -10.64 -19.16 -3.21
N LEU A 228 -9.42 -19.68 -2.95
CA LEU A 228 -8.37 -19.86 -3.97
C LEU A 228 -7.91 -21.31 -4.00
N ILE A 229 -7.71 -21.87 -5.18
CA ILE A 229 -7.18 -23.25 -5.37
C ILE A 229 -5.84 -23.16 -6.09
N LEU A 230 -4.77 -23.61 -5.44
CA LEU A 230 -3.45 -23.77 -6.07
C LEU A 230 -3.40 -25.14 -6.75
N THR A 231 -3.05 -25.16 -8.04
CA THR A 231 -3.28 -26.28 -8.98
C THR A 231 -1.95 -27.04 -9.25
N GLY A 232 -0.90 -26.77 -8.49
CA GLY A 232 0.33 -27.57 -8.57
C GLY A 232 1.50 -26.82 -9.22
N THR A 233 2.69 -27.39 -9.12
CA THR A 233 3.94 -26.74 -9.53
C THR A 233 4.61 -27.59 -10.60
N PRO A 234 5.14 -26.95 -11.67
CA PRO A 234 5.95 -27.66 -12.65
C PRO A 234 7.34 -28.04 -12.07
N LYS A 235 8.21 -28.55 -12.94
CA LYS A 235 9.59 -29.00 -12.64
C LYS A 235 10.38 -27.83 -12.06
N GLY A 236 11.42 -28.16 -11.28
CA GLY A 236 12.46 -27.23 -10.85
C GLY A 236 12.28 -26.78 -9.43
N VAL A 237 11.36 -27.38 -8.66
CA VAL A 237 11.21 -26.95 -7.23
C VAL A 237 12.58 -27.12 -6.56
N GLY A 238 12.91 -26.23 -5.66
CA GLY A 238 14.16 -26.34 -4.92
C GLY A 238 14.21 -25.31 -3.83
N PRO A 239 15.35 -25.32 -3.09
CA PRO A 239 15.46 -24.52 -1.89
C PRO A 239 15.70 -23.04 -2.18
N ILE A 240 15.33 -22.22 -1.22
CA ILE A 240 15.60 -20.75 -1.17
C ILE A 240 15.97 -20.42 0.28
N LYS A 241 16.84 -19.43 0.46
CA LYS A 241 17.41 -19.07 1.79
C LYS A 241 17.11 -17.58 2.06
N GLU A 242 17.32 -17.15 3.31
CA GLU A 242 17.12 -15.74 3.72
C GLU A 242 17.84 -14.84 2.72
N ASN A 243 17.19 -13.76 2.28
CA ASN A 243 17.77 -12.68 1.46
C ASN A 243 17.80 -13.06 -0.02
N ASP A 244 17.26 -14.21 -0.40
CA ASP A 244 17.05 -14.57 -1.83
C ASP A 244 15.94 -13.68 -2.39
N GLU A 245 16.02 -13.36 -3.68
CA GLU A 245 15.05 -12.56 -4.46
C GLU A 245 14.34 -13.50 -5.44
N ILE A 246 13.02 -13.58 -5.38
CA ILE A 246 12.18 -14.43 -6.27
C ILE A 246 11.51 -13.51 -7.30
N GLU A 247 11.68 -13.84 -8.57
CA GLU A 247 10.85 -13.33 -9.68
C GLU A 247 10.12 -14.51 -10.32
N ALA A 248 8.84 -14.36 -10.65
CA ALA A 248 8.00 -15.42 -11.24
C ALA A 248 6.91 -14.78 -12.09
N GLY A 249 6.49 -15.41 -13.17
CA GLY A 249 5.45 -14.89 -14.06
C GLY A 249 4.71 -15.98 -14.82
N ILE A 250 3.61 -15.57 -15.43
CA ILE A 250 2.81 -16.28 -16.46
C ILE A 250 3.09 -15.52 -17.76
N ASP A 251 3.69 -16.16 -18.76
CA ASP A 251 4.02 -15.49 -20.04
C ASP A 251 2.80 -14.70 -20.55
N GLY A 252 3.01 -13.42 -20.86
CA GLY A 252 2.02 -12.59 -21.56
C GLY A 252 0.93 -12.06 -20.62
N VAL A 253 1.02 -12.34 -19.31
CA VAL A 253 -0.12 -12.14 -18.38
C VAL A 253 0.31 -11.36 -17.15
N VAL A 254 1.30 -11.81 -16.38
CA VAL A 254 1.61 -11.18 -15.05
C VAL A 254 3.00 -11.64 -14.58
N SER A 255 3.70 -10.78 -13.84
CA SER A 255 4.94 -11.14 -13.13
C SER A 255 4.85 -10.62 -11.69
N MET A 256 5.73 -11.09 -10.82
CA MET A 256 5.78 -10.72 -9.38
C MET A 256 7.21 -10.85 -8.87
N ARG A 257 7.61 -10.02 -7.92
CA ARG A 257 8.90 -10.08 -7.17
C ARG A 257 8.62 -10.24 -5.68
N PHE A 258 9.43 -11.04 -4.98
CA PHE A 258 9.38 -11.24 -3.51
C PHE A 258 10.81 -11.32 -2.99
N LYS A 259 11.07 -10.75 -1.83
CA LYS A 259 12.31 -11.03 -1.08
C LYS A 259 11.97 -12.00 0.05
N VAL A 260 12.85 -12.96 0.33
CA VAL A 260 12.75 -13.92 1.47
C VAL A 260 13.46 -13.31 2.67
N LYS A 261 12.79 -13.20 3.82
CA LYS A 261 13.39 -12.66 5.07
C LYS A 261 13.16 -13.67 6.19
N ARG A 262 13.84 -13.49 7.34
CA ARG A 262 13.74 -14.38 8.52
C ARG A 262 12.99 -13.68 9.68
N SER A 263 12.42 -14.51 10.58
CA SER A 263 11.87 -14.19 11.92
C SER A 263 12.41 -12.86 12.51
N CYS B 43 -21.25 1.84 8.71
CA CYS B 43 -21.58 1.16 10.00
C CYS B 43 -20.29 0.69 10.68
N THR B 44 -19.85 1.39 11.72
CA THR B 44 -18.69 1.00 12.56
C THR B 44 -19.24 0.34 13.84
N MET B 45 -19.93 -0.83 13.75
CA MET B 45 -20.73 -1.49 14.85
C MET B 45 -20.40 -3.01 14.99
N ALA B 46 -21.29 -3.82 15.60
CA ALA B 46 -21.37 -5.28 15.41
C ALA B 46 -22.46 -5.61 14.35
N SER B 47 -22.50 -4.80 13.29
CA SER B 47 -23.14 -5.08 11.98
C SER B 47 -22.01 -5.37 10.97
N THR B 48 -20.85 -5.72 11.49
CA THR B 48 -19.55 -5.77 10.80
C THR B 48 -18.86 -7.07 11.22
N LYS B 49 -18.51 -7.17 12.51
CA LYS B 49 -17.83 -8.35 13.09
C LYS B 49 -18.54 -8.79 14.37
N PRO B 50 -19.81 -9.18 14.35
CA PRO B 50 -20.48 -9.63 15.58
C PRO B 50 -19.96 -10.98 16.06
N LEU B 51 -19.42 -11.03 17.28
CA LEU B 51 -18.81 -12.27 17.82
C LEU B 51 -19.94 -13.30 17.94
N SER B 52 -21.17 -12.86 18.25
CA SER B 52 -22.34 -13.76 18.41
C SER B 52 -22.64 -14.51 17.09
N ARG B 53 -22.06 -14.08 15.98
CA ARG B 53 -22.22 -14.75 14.65
C ARG B 53 -20.84 -15.06 14.05
N PHE B 54 -19.87 -15.48 14.84
CA PHE B 54 -18.44 -15.54 14.43
C PHE B 54 -18.30 -16.51 13.24
N TRP B 55 -19.13 -17.55 13.15
CA TRP B 55 -19.08 -18.57 12.05
C TRP B 55 -19.42 -17.90 10.71
N GLU B 56 -20.20 -16.82 10.71
CA GLU B 56 -20.60 -16.13 9.47
C GLU B 56 -19.41 -15.46 8.81
N TRP B 57 -18.43 -14.95 9.58
CA TRP B 57 -17.36 -14.09 9.05
C TRP B 57 -15.95 -14.58 9.41
N GLY B 58 -15.79 -15.43 10.43
CA GLY B 58 -14.51 -16.07 10.77
C GLY B 58 -13.85 -16.76 9.58
N LYS B 59 -12.57 -16.51 9.36
CA LYS B 59 -11.78 -17.01 8.21
C LYS B 59 -11.24 -18.43 8.47
N ASN B 60 -10.64 -18.66 9.62
CA ASN B 60 -9.78 -19.86 9.86
C ASN B 60 -10.27 -20.63 11.07
N ILE B 61 -10.12 -21.94 11.01
CA ILE B 61 -10.33 -22.84 12.16
C ILE B 61 -9.06 -23.65 12.30
N VAL B 62 -8.47 -23.68 13.47
CA VAL B 62 -7.24 -24.48 13.80
C VAL B 62 -7.67 -25.49 14.83
N CYS B 63 -7.24 -26.75 14.72
CA CYS B 63 -7.62 -27.81 15.69
C CYS B 63 -6.37 -28.47 16.23
N VAL B 64 -6.35 -28.77 17.52
CA VAL B 64 -5.21 -29.54 18.09
C VAL B 64 -5.59 -31.01 18.00
N GLY B 65 -4.59 -31.87 17.94
CA GLY B 65 -4.77 -33.32 17.78
C GLY B 65 -5.12 -34.00 19.09
N ARG B 66 -4.15 -34.75 19.63
CA ARG B 66 -4.26 -35.44 20.93
C ARG B 66 -3.82 -34.41 21.98
N ASN B 67 -4.76 -33.96 22.82
CA ASN B 67 -4.51 -32.99 23.90
C ASN B 67 -5.14 -33.44 25.21
N TYR B 68 -5.70 -34.65 25.28
CA TYR B 68 -6.31 -35.16 26.55
C TYR B 68 -5.54 -36.40 27.07
N THR B 78 1.12 -42.16 21.49
CA THR B 78 2.26 -41.21 21.63
C THR B 78 1.79 -39.79 21.30
N VAL B 79 2.12 -38.82 22.18
CA VAL B 79 2.02 -37.34 21.99
C VAL B 79 3.45 -36.78 21.75
N LEU B 80 3.58 -35.70 20.97
CA LEU B 80 4.91 -35.17 20.53
C LEU B 80 5.42 -34.12 21.52
N SER B 81 6.48 -33.38 21.17
CA SER B 81 6.96 -32.25 22.01
C SER B 81 5.93 -31.13 21.95
N GLU B 82 5.13 -31.09 20.89
CA GLU B 82 4.18 -29.99 20.58
C GLU B 82 2.81 -30.56 20.22
N PRO B 83 1.74 -29.74 20.35
CA PRO B 83 0.42 -30.14 19.91
C PRO B 83 0.40 -30.34 18.40
N VAL B 84 -0.21 -31.42 17.98
CA VAL B 84 -0.55 -31.68 16.57
C VAL B 84 -1.54 -30.59 16.15
N LEU B 85 -1.35 -29.97 14.99
CA LEU B 85 -2.29 -28.97 14.44
C LEU B 85 -2.79 -29.39 13.06
N PHE B 86 -4.07 -29.23 12.83
CA PHE B 86 -4.66 -29.27 11.49
C PHE B 86 -5.75 -28.21 11.36
N LEU B 87 -6.10 -27.91 10.11
CA LEU B 87 -7.02 -26.82 9.72
C LEU B 87 -8.37 -27.41 9.34
N LYS B 88 -9.44 -26.65 9.57
CA LYS B 88 -10.72 -26.81 8.85
C LYS B 88 -10.97 -25.53 8.06
N PRO B 89 -11.64 -25.59 6.89
CA PRO B 89 -12.04 -24.38 6.18
C PRO B 89 -13.25 -23.74 6.90
N SER B 90 -13.52 -22.47 6.58
CA SER B 90 -14.65 -21.71 7.15
C SER B 90 -15.93 -22.47 6.87
N THR B 91 -16.00 -23.22 5.75
CA THR B 91 -17.21 -23.91 5.26
C THR B 91 -17.42 -25.23 5.99
N ALA B 92 -16.53 -25.60 6.91
CA ALA B 92 -16.79 -26.68 7.88
C ALA B 92 -17.85 -26.23 8.89
N TYR B 93 -18.00 -24.93 9.19
CA TYR B 93 -18.92 -24.48 10.27
C TYR B 93 -20.35 -24.98 9.99
N ALA B 94 -20.93 -25.63 10.98
CA ALA B 94 -22.35 -26.00 11.06
C ALA B 94 -22.95 -25.33 12.28
N PRO B 95 -23.43 -24.09 12.18
CA PRO B 95 -24.07 -23.42 13.31
C PRO B 95 -25.31 -24.19 13.76
N GLU B 96 -25.63 -24.10 15.05
CA GLU B 96 -26.81 -24.84 15.56
C GLU B 96 -28.01 -24.50 14.68
N GLY B 97 -28.78 -25.53 14.31
CA GLY B 97 -29.85 -25.50 13.30
C GLY B 97 -29.44 -26.27 12.03
N SER B 98 -28.13 -26.27 11.73
CA SER B 98 -27.50 -27.01 10.62
C SER B 98 -27.38 -28.48 11.01
N PRO B 99 -27.61 -29.43 10.08
CA PRO B 99 -27.27 -30.82 10.30
C PRO B 99 -25.78 -31.08 10.09
N VAL B 100 -25.29 -32.15 10.73
CA VAL B 100 -23.98 -32.76 10.38
C VAL B 100 -24.20 -33.60 9.12
N LEU B 101 -23.40 -33.36 8.07
CA LEU B 101 -23.54 -34.08 6.78
C LEU B 101 -22.43 -35.13 6.68
N MET B 102 -22.83 -36.40 6.65
CA MET B 102 -21.97 -37.56 6.33
C MET B 102 -21.53 -37.42 4.88
N PRO B 103 -20.21 -37.23 4.60
CA PRO B 103 -19.74 -37.25 3.22
C PRO B 103 -20.07 -38.59 2.57
N ALA B 104 -20.34 -38.60 1.26
CA ALA B 104 -20.49 -39.82 0.40
C ALA B 104 -19.38 -40.85 0.67
N TYR B 105 -18.12 -40.38 0.87
CA TYR B 105 -16.91 -41.25 0.96
C TYR B 105 -16.75 -41.82 2.38
N CYS B 106 -17.59 -41.43 3.30
CA CYS B 106 -17.41 -41.69 4.76
C CYS B 106 -18.15 -42.94 5.21
N ARG B 107 -17.46 -43.87 5.87
CA ARG B 107 -18.07 -45.15 6.39
C ARG B 107 -18.17 -45.14 7.90
N ASN B 108 -17.37 -44.31 8.56
CA ASN B 108 -17.11 -44.35 10.03
C ASN B 108 -17.02 -42.92 10.55
N LEU B 109 -18.14 -42.19 10.59
CA LEU B 109 -18.19 -40.77 11.06
C LEU B 109 -18.10 -40.77 12.58
N HIS B 110 -17.13 -40.05 13.13
CA HIS B 110 -16.89 -39.97 14.59
C HIS B 110 -17.19 -38.57 15.09
N HIS B 111 -17.82 -38.49 16.26
CA HIS B 111 -17.92 -37.25 17.06
C HIS B 111 -16.66 -37.05 17.89
N GLU B 112 -16.30 -35.78 18.08
CA GLU B 112 -15.27 -35.32 19.03
C GLU B 112 -15.79 -34.02 19.64
N VAL B 113 -16.30 -34.05 20.88
CA VAL B 113 -16.70 -32.81 21.59
C VAL B 113 -15.39 -32.11 22.01
N GLU B 114 -15.31 -30.81 21.74
CA GLU B 114 -14.10 -29.99 21.94
C GLU B 114 -14.51 -28.59 22.41
N LEU B 115 -13.72 -28.00 23.26
CA LEU B 115 -13.84 -26.56 23.57
C LEU B 115 -13.15 -25.78 22.46
N GLY B 116 -13.86 -24.84 21.85
CA GLY B 116 -13.34 -23.87 20.87
C GLY B 116 -13.02 -22.55 21.52
N VAL B 117 -11.90 -21.95 21.16
CA VAL B 117 -11.43 -20.63 21.69
C VAL B 117 -11.44 -19.62 20.54
N LEU B 118 -12.22 -18.57 20.68
CA LEU B 118 -12.42 -17.53 19.64
C LEU B 118 -11.45 -16.39 19.90
N LEU B 119 -10.71 -15.97 18.90
CA LEU B 119 -9.79 -14.82 19.06
C LEU B 119 -10.53 -13.50 18.81
N GLY B 120 -10.32 -12.55 19.72
CA GLY B 120 -10.89 -11.19 19.67
C GLY B 120 -9.98 -10.18 18.98
N LYS B 121 -8.71 -10.50 18.74
CA LYS B 121 -7.80 -9.57 18.02
C LYS B 121 -6.66 -10.31 17.32
N ARG B 122 -6.12 -9.67 16.28
CA ARG B 122 -5.02 -10.22 15.45
C ARG B 122 -3.90 -10.64 16.39
N GLY B 123 -3.35 -11.81 16.20
CA GLY B 123 -2.29 -12.35 17.06
C GLY B 123 -1.20 -12.96 16.22
N GLU B 124 -0.03 -12.31 16.25
CA GLU B 124 1.26 -12.73 15.62
C GLU B 124 2.24 -13.04 16.76
N ALA B 125 2.71 -14.28 16.89
CA ALA B 125 3.65 -14.71 17.95
C ALA B 125 3.18 -14.11 19.29
N ILE B 126 1.94 -14.38 19.66
CA ILE B 126 1.37 -14.00 20.98
C ILE B 126 2.16 -14.65 22.10
N PRO B 127 2.66 -13.90 23.08
CA PRO B 127 3.24 -14.51 24.28
C PRO B 127 2.17 -15.25 25.08
N GLU B 128 2.55 -16.42 25.63
CA GLU B 128 1.70 -17.29 26.48
C GLU B 128 1.12 -16.48 27.66
N ALA B 129 1.92 -15.59 28.27
CA ALA B 129 1.54 -14.77 29.44
C ALA B 129 0.47 -13.73 29.06
N ALA B 130 0.42 -13.31 27.79
CA ALA B 130 -0.57 -12.34 27.27
C ALA B 130 -1.77 -13.05 26.61
N ALA B 131 -1.67 -14.34 26.32
CA ALA B 131 -2.52 -15.07 25.35
C ALA B 131 -3.99 -14.82 25.61
N MET B 132 -4.40 -14.81 26.87
CA MET B 132 -5.82 -14.74 27.27
C MET B 132 -6.35 -13.33 26.99
N ASP B 133 -5.50 -12.33 26.76
CA ASP B 133 -5.95 -10.95 26.39
C ASP B 133 -6.46 -10.97 24.94
N TYR B 134 -6.12 -12.00 24.16
CA TYR B 134 -6.45 -12.12 22.71
C TYR B 134 -7.76 -12.89 22.53
N VAL B 135 -8.35 -13.41 23.61
CA VAL B 135 -9.55 -14.29 23.59
C VAL B 135 -10.81 -13.45 23.74
N ALA B 136 -11.78 -13.60 22.85
CA ALA B 136 -13.11 -12.97 22.93
C ALA B 136 -14.03 -13.88 23.72
N GLY B 137 -13.93 -15.19 23.48
CA GLY B 137 -14.69 -16.17 24.25
C GLY B 137 -14.55 -17.56 23.70
N TYR B 138 -15.61 -18.34 23.78
CA TYR B 138 -15.60 -19.79 23.56
C TYR B 138 -16.81 -20.19 22.70
N ALA B 139 -16.75 -21.40 22.14
CA ALA B 139 -17.88 -22.15 21.59
C ALA B 139 -17.67 -23.63 21.90
N LEU B 140 -18.76 -24.36 22.10
CA LEU B 140 -18.71 -25.84 22.15
C LEU B 140 -18.73 -26.30 20.69
N CYS B 141 -17.80 -27.18 20.30
CA CYS B 141 -17.62 -27.61 18.89
C CYS B 141 -17.62 -29.13 18.85
N LEU B 142 -17.87 -29.67 17.65
CA LEU B 142 -17.58 -31.10 17.34
C LEU B 142 -16.52 -31.09 16.25
N ASP B 143 -15.46 -31.84 16.47
CA ASP B 143 -14.46 -32.10 15.42
C ASP B 143 -14.91 -33.38 14.71
N MET B 144 -15.86 -33.25 13.80
CA MET B 144 -16.44 -34.40 13.07
C MET B 144 -15.35 -34.99 12.19
N THR B 145 -15.15 -36.31 12.30
CA THR B 145 -14.01 -37.04 11.74
C THR B 145 -14.50 -38.27 10.94
N ALA B 146 -14.04 -38.36 9.71
CA ALA B 146 -14.12 -39.58 8.89
C ALA B 146 -12.95 -40.48 9.31
N ARG B 147 -13.19 -41.34 10.31
CA ARG B 147 -12.15 -42.06 11.06
C ARG B 147 -11.43 -43.04 10.13
N ASP B 148 -12.12 -43.74 9.22
CA ASP B 148 -11.43 -44.74 8.35
C ASP B 148 -10.51 -44.02 7.37
N VAL B 149 -10.97 -42.92 6.81
CA VAL B 149 -10.16 -42.04 5.90
C VAL B 149 -8.92 -41.62 6.68
N GLN B 150 -9.10 -41.28 7.96
CA GLN B 150 -8.00 -40.77 8.80
C GLN B 150 -6.98 -41.87 8.98
N GLU B 151 -7.42 -43.10 9.20
CA GLU B 151 -6.55 -44.30 9.34
C GLU B 151 -5.70 -44.39 8.06
N GLU B 152 -6.32 -44.21 6.90
CA GLU B 152 -5.62 -44.29 5.58
C GLU B 152 -4.59 -43.17 5.49
N CYS B 153 -4.94 -41.96 5.98
CA CYS B 153 -4.12 -40.74 5.87
C CYS B 153 -2.87 -40.93 6.73
N LYS B 154 -3.03 -41.40 7.96
CA LYS B 154 -1.96 -41.81 8.90
C LYS B 154 -1.03 -42.84 8.25
N LYS B 155 -1.59 -43.94 7.76
CA LYS B 155 -0.84 -45.06 7.15
C LYS B 155 -0.05 -44.58 5.90
N LYS B 156 -0.65 -43.76 5.03
CA LYS B 156 -0.02 -43.34 3.75
C LYS B 156 0.82 -42.07 3.90
N GLY B 157 0.82 -41.42 5.06
CA GLY B 157 1.52 -40.14 5.27
C GLY B 157 0.96 -39.00 4.44
N LEU B 158 -0.35 -39.00 4.25
CA LEU B 158 -1.09 -37.94 3.50
C LEU B 158 -1.64 -36.90 4.46
N PRO B 159 -2.04 -35.71 3.94
CA PRO B 159 -2.72 -34.72 4.75
C PRO B 159 -4.08 -35.25 5.24
N TRP B 160 -4.59 -34.69 6.34
CA TRP B 160 -5.81 -35.16 7.07
C TRP B 160 -7.07 -34.47 6.51
N THR B 161 -6.98 -33.74 5.41
CA THR B 161 -8.03 -32.88 4.86
C THR B 161 -9.33 -33.66 4.63
N LEU B 162 -9.33 -34.76 3.89
CA LEU B 162 -10.60 -35.51 3.63
C LEU B 162 -11.15 -36.09 4.94
N ALA B 163 -10.30 -36.32 5.94
CA ALA B 163 -10.72 -36.90 7.24
C ALA B 163 -11.33 -35.83 8.15
N LYS B 164 -10.87 -34.58 8.08
CA LYS B 164 -11.12 -33.56 9.13
C LYS B 164 -11.75 -32.26 8.61
N SER B 165 -11.78 -32.01 7.30
CA SER B 165 -12.00 -30.65 6.72
C SER B 165 -13.18 -30.62 5.76
N PHE B 166 -14.10 -31.58 5.80
CA PHE B 166 -15.25 -31.61 4.85
C PHE B 166 -16.30 -30.56 5.25
N THR B 167 -17.28 -30.32 4.36
CA THR B 167 -18.47 -29.48 4.64
C THR B 167 -19.12 -30.00 5.92
N SER B 168 -19.44 -29.10 6.85
CA SER B 168 -20.16 -29.34 8.14
C SER B 168 -19.30 -30.11 9.16
N SER B 169 -17.99 -30.24 8.94
CA SER B 169 -17.09 -31.00 9.84
C SER B 169 -16.84 -30.23 11.15
N CYS B 170 -17.42 -29.02 11.35
CA CYS B 170 -17.25 -28.24 12.59
C CYS B 170 -18.55 -27.63 13.09
N PRO B 171 -19.52 -28.48 13.52
CA PRO B 171 -20.65 -28.01 14.29
C PRO B 171 -20.22 -27.10 15.43
N VAL B 172 -20.98 -26.05 15.72
CA VAL B 172 -20.55 -24.96 16.64
C VAL B 172 -21.77 -24.45 17.41
N SER B 173 -21.62 -24.26 18.73
CA SER B 173 -22.68 -23.76 19.64
C SER B 173 -22.87 -22.25 19.43
N ALA B 174 -23.82 -21.63 20.13
CA ALA B 174 -23.85 -20.16 20.30
C ALA B 174 -22.53 -19.72 20.93
N PHE B 175 -22.02 -18.57 20.54
CA PHE B 175 -20.90 -17.85 21.18
C PHE B 175 -21.12 -17.75 22.69
N VAL B 176 -20.10 -18.07 23.48
CA VAL B 176 -20.06 -17.90 24.96
C VAL B 176 -19.02 -16.82 25.23
N PRO B 177 -19.42 -15.61 25.70
CA PRO B 177 -18.46 -14.57 26.06
C PRO B 177 -17.44 -15.08 27.10
N LYS B 178 -16.19 -14.61 27.02
CA LYS B 178 -15.07 -14.99 27.94
C LYS B 178 -15.51 -14.91 29.42
N GLU B 179 -16.27 -13.87 29.74
CA GLU B 179 -16.78 -13.52 31.08
C GLU B 179 -17.49 -14.72 31.70
N LYS B 180 -18.23 -15.50 30.90
CA LYS B 180 -19.04 -16.64 31.41
C LYS B 180 -18.16 -17.81 31.83
N ILE B 181 -16.88 -17.80 31.46
CA ILE B 181 -15.90 -18.89 31.75
C ILE B 181 -14.67 -18.29 32.44
N PRO B 182 -14.75 -18.12 33.78
CA PRO B 182 -13.61 -17.77 34.60
C PRO B 182 -12.39 -18.65 34.31
N ASP B 183 -12.61 -19.95 34.19
CA ASP B 183 -11.53 -20.96 34.07
C ASP B 183 -11.91 -21.96 32.97
N PRO B 184 -11.34 -21.80 31.76
CA PRO B 184 -11.51 -22.77 30.68
C PRO B 184 -11.02 -24.18 31.01
N HIS B 185 -10.14 -24.33 31.99
CA HIS B 185 -9.51 -25.62 32.36
C HIS B 185 -10.25 -26.24 33.55
N ALA B 186 -11.47 -25.83 33.84
CA ALA B 186 -12.29 -26.34 34.96
C ALA B 186 -13.72 -26.61 34.46
N LEU B 187 -13.86 -27.11 33.24
CA LEU B 187 -15.16 -27.37 32.58
C LEU B 187 -15.37 -28.87 32.41
N ARG B 188 -16.65 -29.28 32.41
CA ARG B 188 -17.08 -30.63 31.95
C ARG B 188 -17.73 -30.48 30.58
N LEU B 189 -17.16 -31.17 29.59
CA LEU B 189 -17.73 -31.36 28.22
C LEU B 189 -18.46 -32.68 28.26
N TRP B 190 -19.65 -32.75 27.68
CA TRP B 190 -20.41 -34.03 27.55
C TRP B 190 -21.05 -34.12 26.17
N LEU B 191 -21.20 -35.34 25.69
CA LEU B 191 -21.91 -35.61 24.40
C LEU B 191 -22.77 -36.87 24.55
N LYS B 192 -24.02 -36.75 24.13
CA LYS B 192 -25.01 -37.84 24.09
C LYS B 192 -25.35 -38.11 22.63
N VAL B 193 -25.62 -39.38 22.32
CA VAL B 193 -26.18 -39.83 21.03
C VAL B 193 -27.51 -40.50 21.35
N ASN B 194 -28.59 -39.98 20.78
CA ASN B 194 -29.94 -40.58 20.98
C ASN B 194 -30.21 -40.70 22.50
N GLY B 195 -29.84 -39.69 23.28
CA GLY B 195 -30.09 -39.66 24.74
C GLY B 195 -29.08 -40.43 25.58
N GLU B 196 -28.13 -41.12 24.96
CA GLU B 196 -27.16 -42.00 25.66
C GLU B 196 -25.78 -41.32 25.74
N LEU B 197 -25.25 -41.13 26.95
CA LEU B 197 -23.94 -40.46 27.17
C LEU B 197 -22.84 -41.28 26.46
N ARG B 198 -21.97 -40.62 25.68
CA ARG B 198 -20.89 -41.28 24.91
C ARG B 198 -19.54 -40.64 25.24
N GLN B 199 -19.46 -39.32 25.36
CA GLN B 199 -18.22 -38.68 25.85
C GLN B 199 -18.57 -37.81 27.06
N GLU B 200 -17.66 -37.89 28.04
CA GLU B 200 -17.54 -36.92 29.12
C GLU B 200 -16.04 -36.74 29.36
N GLY B 201 -15.67 -35.53 29.74
CA GLY B 201 -14.26 -35.19 30.01
C GLY B 201 -14.14 -33.83 30.66
N LYS B 202 -13.08 -33.64 31.45
N LYS B 202 -13.06 -33.64 31.41
CA LYS B 202 -12.74 -32.37 32.12
CA LYS B 202 -12.73 -32.37 32.11
C LYS B 202 -11.66 -31.68 31.31
C LYS B 202 -11.66 -31.68 31.31
N THR B 203 -11.79 -30.38 31.06
CA THR B 203 -10.77 -29.59 30.35
C THR B 203 -9.51 -29.44 31.23
N SER B 204 -9.56 -29.83 32.52
CA SER B 204 -8.39 -29.88 33.41
C SER B 204 -7.41 -30.98 32.95
N SER B 205 -7.88 -31.94 32.14
CA SER B 205 -7.11 -33.09 31.63
C SER B 205 -6.22 -32.71 30.43
N MET B 206 -6.32 -31.47 29.94
CA MET B 206 -5.59 -31.03 28.72
C MET B 206 -4.10 -31.07 28.97
N ILE B 207 -3.35 -31.61 28.03
CA ILE B 207 -1.87 -31.80 28.13
C ILE B 207 -1.21 -30.44 27.89
N PHE B 208 -1.69 -29.70 26.88
CA PHE B 208 -1.27 -28.33 26.49
C PHE B 208 -2.38 -27.37 26.86
N SER B 209 -2.03 -26.30 27.59
CA SER B 209 -3.02 -25.34 28.15
C SER B 209 -3.51 -24.48 27.00
N ILE B 210 -4.63 -23.78 27.20
CA ILE B 210 -5.14 -22.86 26.16
C ILE B 210 -4.17 -21.71 25.94
N PRO B 211 -3.58 -21.05 26.96
CA PRO B 211 -2.60 -20.01 26.69
C PRO B 211 -1.44 -20.58 25.88
N TYR B 212 -1.00 -21.80 26.20
CA TYR B 212 0.11 -22.45 25.46
C TYR B 212 -0.28 -22.61 23.99
N ILE B 213 -1.47 -23.18 23.74
CA ILE B 213 -1.97 -23.47 22.37
C ILE B 213 -2.04 -22.17 21.56
N ILE B 214 -2.65 -21.12 22.09
CA ILE B 214 -2.80 -19.82 21.39
C ILE B 214 -1.42 -19.32 20.99
N SER B 215 -0.48 -19.41 21.92
CA SER B 215 0.91 -18.91 21.73
C SER B 215 1.60 -19.68 20.60
N TYR B 216 1.59 -21.00 20.71
CA TYR B 216 2.28 -21.90 19.77
C TYR B 216 1.70 -21.70 18.37
N VAL B 217 0.38 -21.80 18.25
CA VAL B 217 -0.36 -21.64 16.96
C VAL B 217 0.01 -20.29 16.33
N SER B 218 -0.04 -19.20 17.08
CA SER B 218 0.16 -17.81 16.57
C SER B 218 1.61 -17.60 16.09
N LYS B 219 2.57 -18.36 16.61
CA LYS B 219 4.00 -18.31 16.16
C LYS B 219 4.12 -18.90 14.74
N ILE B 220 3.23 -19.81 14.36
CA ILE B 220 3.26 -20.57 13.05
C ILE B 220 2.28 -19.93 12.05
N ILE B 221 1.08 -19.65 12.53
CA ILE B 221 -0.06 -19.07 11.75
C ILE B 221 -0.54 -17.83 12.50
N THR B 222 -0.40 -16.64 11.92
CA THR B 222 -1.05 -15.42 12.46
C THR B 222 -2.55 -15.70 12.59
N LEU B 223 -3.15 -15.44 13.74
CA LEU B 223 -4.61 -15.56 13.95
C LEU B 223 -5.29 -14.20 13.74
N GLU B 224 -6.42 -14.18 13.04
CA GLU B 224 -7.24 -12.96 12.82
C GLU B 224 -8.32 -12.94 13.89
N GLU B 225 -8.82 -11.73 14.21
CA GLU B 225 -10.10 -11.52 14.93
C GLU B 225 -11.12 -12.52 14.34
N GLY B 226 -11.72 -13.38 15.16
CA GLY B 226 -12.78 -14.31 14.71
C GLY B 226 -12.28 -15.68 14.30
N ASP B 227 -10.96 -15.89 14.18
CA ASP B 227 -10.37 -17.27 14.09
C ASP B 227 -10.70 -18.10 15.34
N LEU B 228 -10.87 -19.41 15.16
CA LEU B 228 -11.29 -20.36 16.22
C LEU B 228 -10.26 -21.46 16.37
N ILE B 229 -9.94 -21.85 17.59
CA ILE B 229 -9.02 -22.98 17.89
C ILE B 229 -9.81 -24.04 18.65
N LEU B 230 -9.90 -25.23 18.09
CA LEU B 230 -10.43 -26.44 18.78
C LEU B 230 -9.29 -27.09 19.56
N THR B 231 -9.51 -27.37 20.84
CA THR B 231 -8.47 -27.66 21.87
C THR B 231 -8.46 -29.15 22.22
N GLY B 232 -9.15 -29.99 21.45
CA GLY B 232 -9.06 -31.46 21.57
C GLY B 232 -10.28 -32.07 22.25
N THR B 233 -10.37 -33.40 22.23
CA THR B 233 -11.55 -34.15 22.69
C THR B 233 -11.11 -35.08 23.79
N PRO B 234 -11.92 -35.24 24.85
CA PRO B 234 -11.66 -36.27 25.85
C PRO B 234 -11.94 -37.68 25.28
N LYS B 235 -11.76 -38.69 26.12
CA LYS B 235 -12.06 -40.11 25.82
C LYS B 235 -13.53 -40.26 25.37
N GLY B 236 -13.84 -41.33 24.64
CA GLY B 236 -15.21 -41.76 24.35
C GLY B 236 -15.63 -41.44 22.92
N VAL B 237 -14.69 -41.00 22.09
CA VAL B 237 -14.99 -40.71 20.66
C VAL B 237 -15.55 -41.99 20.05
N GLY B 238 -16.47 -41.86 19.14
CA GLY B 238 -17.21 -43.02 18.63
C GLY B 238 -18.09 -42.64 17.46
N PRO B 239 -18.69 -43.64 16.79
CA PRO B 239 -19.35 -43.42 15.51
C PRO B 239 -20.78 -42.85 15.66
N ILE B 240 -21.31 -42.30 14.56
CA ILE B 240 -22.75 -41.93 14.41
C ILE B 240 -23.23 -42.41 13.03
N LYS B 241 -24.54 -42.69 12.90
N LYS B 241 -24.54 -42.69 12.90
CA LYS B 241 -25.14 -43.09 11.60
CA LYS B 241 -25.16 -43.10 11.61
C LYS B 241 -26.26 -42.09 11.24
C LYS B 241 -26.26 -42.09 11.24
N GLU B 242 -26.75 -42.16 10.00
CA GLU B 242 -27.81 -41.26 9.48
C GLU B 242 -28.96 -41.25 10.48
N ASN B 243 -29.48 -40.06 10.79
CA ASN B 243 -30.72 -39.84 11.59
C ASN B 243 -30.41 -39.93 13.09
N ASP B 244 -29.16 -40.13 13.49
CA ASP B 244 -28.77 -40.05 14.92
C ASP B 244 -28.87 -38.59 15.37
N GLU B 245 -29.20 -38.37 16.64
CA GLU B 245 -29.36 -37.04 17.28
C GLU B 245 -28.19 -36.85 18.25
N ILE B 246 -27.41 -35.81 18.08
CA ILE B 246 -26.28 -35.47 19.00
C ILE B 246 -26.74 -34.29 19.87
N GLU B 247 -26.61 -34.47 21.18
CA GLU B 247 -26.70 -33.39 22.17
C GLU B 247 -25.34 -33.33 22.88
N ALA B 248 -24.84 -32.13 23.12
CA ALA B 248 -23.53 -31.89 23.75
C ALA B 248 -23.60 -30.56 24.49
N GLY B 249 -22.87 -30.43 25.60
CA GLY B 249 -22.84 -29.20 26.39
C GLY B 249 -21.55 -29.06 27.19
N ILE B 250 -21.38 -27.85 27.72
CA ILE B 250 -20.44 -27.49 28.81
C ILE B 250 -21.32 -27.28 30.04
N ASP B 251 -21.14 -28.06 31.09
CA ASP B 251 -21.99 -27.97 32.31
C ASP B 251 -22.08 -26.50 32.75
N GLY B 252 -23.30 -26.02 32.98
CA GLY B 252 -23.57 -24.70 33.57
C GLY B 252 -23.40 -23.56 32.58
N VAL B 253 -23.10 -23.83 31.30
CA VAL B 253 -22.68 -22.79 30.33
C VAL B 253 -23.49 -22.85 29.04
N VAL B 254 -23.54 -23.99 28.35
CA VAL B 254 -24.19 -24.02 26.99
C VAL B 254 -24.47 -25.48 26.57
N SER B 255 -25.53 -25.69 25.80
CA SER B 255 -25.82 -26.99 25.16
C SER B 255 -26.20 -26.73 23.71
N MET B 256 -26.16 -27.79 22.90
CA MET B 256 -26.43 -27.73 21.44
C MET B 256 -26.93 -29.11 20.97
N ARG B 257 -27.77 -29.13 19.93
CA ARG B 257 -28.34 -30.36 19.29
C ARG B 257 -28.01 -30.32 17.80
N PHE B 258 -27.65 -31.46 17.24
CA PHE B 258 -27.39 -31.65 15.79
C PHE B 258 -28.02 -32.97 15.38
N LYS B 259 -28.71 -33.00 14.25
CA LYS B 259 -29.09 -34.30 13.63
C LYS B 259 -28.08 -34.62 12.53
N VAL B 260 -27.71 -35.89 12.40
CA VAL B 260 -26.80 -36.42 11.34
C VAL B 260 -27.63 -36.78 10.10
N LYS B 261 -27.28 -36.23 8.93
CA LYS B 261 -27.96 -36.54 7.65
C LYS B 261 -26.89 -36.88 6.59
N ARG B 262 -27.28 -37.27 5.37
CA ARG B 262 -26.35 -37.44 4.23
C ARG B 262 -26.54 -36.34 3.17
N SER B 263 -25.54 -36.19 2.30
CA SER B 263 -25.50 -35.31 1.09
C SER B 263 -26.58 -35.69 0.05
N PRO C 50 -0.67 45.16 -12.16
CA PRO C 50 0.32 46.29 -12.21
C PRO C 50 1.76 45.82 -11.99
N LEU C 51 2.59 46.00 -13.02
CA LEU C 51 3.94 45.41 -13.09
C LEU C 51 4.75 45.97 -11.92
N SER C 52 4.52 47.24 -11.60
CA SER C 52 5.31 47.99 -10.58
C SER C 52 5.15 47.30 -9.20
N ARG C 53 4.10 46.46 -9.03
CA ARG C 53 3.85 45.71 -7.76
C ARG C 53 3.70 44.22 -8.05
N PHE C 54 4.59 43.67 -8.88
CA PHE C 54 4.46 42.31 -9.44
C PHE C 54 4.43 41.28 -8.30
N TRP C 55 5.15 41.53 -7.22
CA TRP C 55 5.25 40.61 -6.04
C TRP C 55 3.89 40.44 -5.37
N GLU C 56 2.98 41.41 -5.49
CA GLU C 56 1.64 41.32 -4.86
C GLU C 56 0.80 40.25 -5.54
N TRP C 57 0.94 40.04 -6.86
CA TRP C 57 0.01 39.20 -7.66
C TRP C 57 0.73 38.08 -8.44
N GLY C 58 2.05 38.18 -8.66
CA GLY C 58 2.83 37.16 -9.38
C GLY C 58 2.67 35.78 -8.75
N LYS C 59 2.48 34.75 -9.56
CA LYS C 59 2.19 33.37 -9.07
C LYS C 59 3.48 32.60 -8.76
N ASN C 60 4.44 32.60 -9.68
CA ASN C 60 5.57 31.63 -9.66
C ASN C 60 6.91 32.35 -9.65
N ILE C 61 7.89 31.74 -8.97
CA ILE C 61 9.32 32.13 -9.08
C ILE C 61 10.11 30.89 -9.45
N VAL C 62 10.89 30.97 -10.53
CA VAL C 62 11.78 29.88 -11.00
C VAL C 62 13.21 30.40 -10.81
N CYS C 63 14.13 29.58 -10.32
CA CYS C 63 15.53 29.99 -10.11
C CYS C 63 16.44 29.03 -10.85
N VAL C 64 17.48 29.56 -11.50
CA VAL C 64 18.55 28.69 -12.05
C VAL C 64 19.58 28.47 -10.94
N GLY C 65 20.29 27.36 -11.02
CA GLY C 65 21.38 26.99 -10.09
C GLY C 65 22.67 27.72 -10.39
N ARG C 66 23.67 27.00 -10.93
CA ARG C 66 25.02 27.53 -11.20
C ARG C 66 24.97 28.15 -12.59
N ASN C 67 25.04 29.48 -12.72
CA ASN C 67 24.96 30.18 -14.05
C ASN C 67 26.07 31.22 -14.20
N TYR C 68 26.97 31.30 -13.23
CA TYR C 68 28.17 32.17 -13.29
C TYR C 68 29.36 31.25 -13.04
N ALA C 69 30.47 31.47 -13.75
CA ALA C 69 31.65 30.58 -13.78
C ALA C 69 32.21 30.29 -12.38
N ASP C 70 32.06 31.22 -11.41
CA ASP C 70 32.85 31.25 -10.15
C ASP C 70 31.95 30.86 -8.97
N SER C 81 24.71 19.74 -20.89
CA SER C 81 24.59 20.59 -19.67
C SER C 81 23.39 21.55 -19.85
N GLU C 82 22.52 21.57 -18.85
CA GLU C 82 21.43 22.57 -18.72
C GLU C 82 21.47 23.22 -17.34
N PRO C 83 20.85 24.42 -17.18
CA PRO C 83 20.73 25.01 -15.85
C PRO C 83 19.87 24.14 -14.93
N VAL C 84 20.34 23.94 -13.70
CA VAL C 84 19.53 23.39 -12.59
C VAL C 84 18.37 24.38 -12.35
N LEU C 85 17.17 23.87 -12.14
CA LEU C 85 15.97 24.72 -11.86
C LEU C 85 15.35 24.29 -10.53
N PHE C 86 14.98 25.28 -9.72
CA PHE C 86 14.14 25.08 -8.54
C PHE C 86 13.19 26.25 -8.37
N LEU C 87 12.15 26.04 -7.56
CA LEU C 87 10.99 26.93 -7.39
C LEU C 87 11.06 27.60 -6.02
N LYS C 88 10.56 28.83 -5.97
CA LYS C 88 10.14 29.48 -4.71
C LYS C 88 8.64 29.76 -4.82
N PRO C 89 7.89 29.69 -3.70
CA PRO C 89 6.48 30.07 -3.72
C PRO C 89 6.36 31.60 -3.73
N SER C 90 5.18 32.11 -4.08
CA SER C 90 4.89 33.56 -4.17
C SER C 90 5.22 34.21 -2.83
N THR C 91 5.08 33.46 -1.72
CA THR C 91 5.22 33.95 -0.33
C THR C 91 6.71 34.01 0.06
N ALA C 92 7.62 33.60 -0.82
CA ALA C 92 9.06 33.89 -0.68
C ALA C 92 9.33 35.37 -0.90
N TYR C 93 8.51 36.07 -1.69
CA TYR C 93 8.75 37.51 -2.00
C TYR C 93 8.82 38.31 -0.68
N ALA C 94 9.92 39.05 -0.58
CA ALA C 94 10.12 40.09 0.46
C ALA C 94 10.33 41.40 -0.27
N PRO C 95 9.26 42.14 -0.66
CA PRO C 95 9.42 43.45 -1.28
C PRO C 95 10.17 44.43 -0.37
N GLU C 96 10.91 45.35 -0.98
CA GLU C 96 11.75 46.28 -0.19
C GLU C 96 10.85 46.96 0.84
N GLY C 97 11.33 46.99 2.09
CA GLY C 97 10.55 47.34 3.30
C GLY C 97 10.27 46.13 4.18
N SER C 98 10.20 44.93 3.57
CA SER C 98 10.10 43.62 4.28
C SER C 98 11.48 43.24 4.81
N PRO C 99 11.57 42.63 6.02
CA PRO C 99 12.81 41.98 6.44
C PRO C 99 12.95 40.59 5.83
N VAL C 100 14.18 40.09 5.79
CA VAL C 100 14.49 38.64 5.61
C VAL C 100 14.29 37.96 6.96
N LEU C 101 13.42 36.95 7.03
CA LEU C 101 13.02 36.23 8.27
C LEU C 101 13.72 34.88 8.33
N MET C 102 14.64 34.73 9.29
CA MET C 102 15.47 33.51 9.46
C MET C 102 14.56 32.38 9.94
N PRO C 103 14.40 31.29 9.16
CA PRO C 103 13.66 30.13 9.63
C PRO C 103 14.26 29.59 10.93
N ALA C 104 13.41 29.10 11.84
CA ALA C 104 13.81 28.43 13.10
C ALA C 104 14.86 27.34 12.83
N TYR C 105 14.72 26.58 11.74
CA TYR C 105 15.53 25.36 11.46
C TYR C 105 16.89 25.73 10.84
N CYS C 106 17.11 27.01 10.54
CA CYS C 106 18.27 27.49 9.73
C CYS C 106 19.49 27.80 10.59
N ARG C 107 20.66 27.24 10.26
CA ARG C 107 21.94 27.44 10.99
C ARG C 107 22.88 28.36 10.20
N ASN C 108 22.79 28.33 8.87
CA ASN C 108 23.80 28.88 7.93
C ASN C 108 23.08 29.58 6.76
N LEU C 109 22.47 30.74 7.02
CA LEU C 109 21.74 31.54 6.00
C LEU C 109 22.75 32.21 5.07
N HIS C 110 22.63 32.00 3.76
CA HIS C 110 23.54 32.59 2.75
C HIS C 110 22.77 33.57 1.87
N HIS C 111 23.41 34.67 1.48
CA HIS C 111 22.95 35.60 0.42
C HIS C 111 23.39 35.09 -0.96
N GLU C 112 22.55 35.33 -1.96
CA GLU C 112 22.84 35.14 -3.40
C GLU C 112 22.18 36.31 -4.14
N VAL C 113 22.95 37.34 -4.53
CA VAL C 113 22.41 38.44 -5.38
C VAL C 113 22.21 37.86 -6.78
N GLU C 114 21.04 38.10 -7.37
CA GLU C 114 20.62 37.54 -8.68
C GLU C 114 19.82 38.58 -9.46
N LEU C 115 19.98 38.63 -10.77
CA LEU C 115 19.07 39.41 -11.64
C LEU C 115 17.80 38.55 -11.85
N GLY C 116 16.64 39.11 -11.57
CA GLY C 116 15.32 38.53 -11.88
C GLY C 116 14.75 39.06 -13.18
N VAL C 117 14.16 38.18 -13.97
CA VAL C 117 13.50 38.53 -15.26
C VAL C 117 12.00 38.29 -15.11
N LEU C 118 11.21 39.34 -15.28
CA LEU C 118 9.75 39.31 -15.12
C LEU C 118 9.11 39.06 -16.49
N LEU C 119 8.21 38.10 -16.59
CA LEU C 119 7.48 37.84 -17.84
C LEU C 119 6.25 38.75 -17.97
N GLY C 120 6.09 39.36 -19.14
CA GLY C 120 4.97 40.24 -19.50
C GLY C 120 3.82 39.49 -20.16
N LYS C 121 4.00 38.26 -20.64
CA LYS C 121 2.87 37.49 -21.24
C LYS C 121 3.07 35.98 -21.09
N ARG C 122 1.97 35.21 -21.15
CA ARG C 122 1.98 33.73 -21.06
C ARG C 122 3.03 33.20 -22.04
N GLY C 123 3.90 32.30 -21.60
CA GLY C 123 4.98 31.73 -22.41
C GLY C 123 5.01 30.24 -22.27
N GLU C 124 4.62 29.50 -23.33
CA GLU C 124 4.81 28.04 -23.48
C GLU C 124 5.79 27.77 -24.63
N ALA C 125 6.83 26.97 -24.37
CA ALA C 125 7.87 26.60 -25.34
C ALA C 125 8.23 27.84 -26.17
N ILE C 126 8.61 28.93 -25.50
CA ILE C 126 9.04 30.19 -26.15
C ILE C 126 10.32 29.92 -26.94
N PRO C 127 10.37 30.28 -28.25
CA PRO C 127 11.63 30.21 -28.98
C PRO C 127 12.65 31.20 -28.40
N GLU C 128 13.91 30.78 -28.32
CA GLU C 128 15.07 31.57 -27.83
C GLU C 128 15.14 32.93 -28.56
N ALA C 129 14.89 32.94 -29.87
CA ALA C 129 15.00 34.13 -30.76
C ALA C 129 13.92 35.17 -30.41
N ALA C 130 12.77 34.72 -29.90
CA ALA C 130 11.60 35.56 -29.55
C ALA C 130 11.57 35.88 -28.05
N ALA C 131 12.40 35.20 -27.26
CA ALA C 131 12.30 35.18 -25.78
C ALA C 131 12.16 36.60 -25.21
N MET C 132 12.91 37.56 -25.75
CA MET C 132 12.98 38.93 -25.17
C MET C 132 11.65 39.65 -25.37
N ASP C 133 10.78 39.18 -26.28
CA ASP C 133 9.45 39.80 -26.51
C ASP C 133 8.52 39.44 -25.35
N TYR C 134 8.88 38.44 -24.53
CA TYR C 134 8.04 37.94 -23.41
C TYR C 134 8.42 38.65 -22.11
N VAL C 135 9.46 39.49 -22.12
CA VAL C 135 10.02 40.15 -20.91
C VAL C 135 9.35 41.52 -20.71
N ALA C 136 8.80 41.76 -19.52
CA ALA C 136 8.23 43.07 -19.10
C ALA C 136 9.34 43.93 -18.52
N GLY C 137 10.23 43.30 -17.75
CA GLY C 137 11.40 43.99 -17.19
C GLY C 137 12.12 43.10 -16.20
N TYR C 138 12.70 43.72 -15.19
CA TYR C 138 13.70 43.09 -14.29
C TYR C 138 13.43 43.49 -12.84
N ALA C 139 14.03 42.74 -11.92
CA ALA C 139 14.13 43.07 -10.48
C ALA C 139 15.44 42.51 -9.94
N LEU C 140 16.12 43.24 -9.06
CA LEU C 140 17.27 42.71 -8.30
C LEU C 140 16.70 41.88 -7.16
N CYS C 141 17.20 40.66 -6.99
CA CYS C 141 16.64 39.66 -6.03
C CYS C 141 17.77 39.09 -5.19
N LEU C 142 17.44 38.50 -4.06
CA LEU C 142 18.36 37.62 -3.28
C LEU C 142 17.75 36.22 -3.25
N ASP C 143 18.53 35.24 -3.64
CA ASP C 143 18.14 33.81 -3.49
C ASP C 143 18.66 33.38 -2.10
N MET C 144 17.93 33.74 -1.06
CA MET C 144 18.31 33.43 0.33
C MET C 144 18.26 31.91 0.53
N THR C 145 19.36 31.36 1.06
CA THR C 145 19.61 29.89 1.08
C THR C 145 20.03 29.44 2.49
N ALA C 146 19.33 28.45 3.03
CA ALA C 146 19.76 27.67 4.21
C ALA C 146 20.78 26.62 3.72
N ARG C 147 22.07 26.99 3.71
CA ARG C 147 23.14 26.25 3.02
C ARG C 147 23.34 24.86 3.62
N ASP C 148 23.30 24.70 4.94
CA ASP C 148 23.59 23.37 5.56
C ASP C 148 22.43 22.43 5.24
N VAL C 149 21.19 22.94 5.32
CA VAL C 149 19.97 22.18 4.92
C VAL C 149 20.17 21.72 3.46
N GLN C 150 20.69 22.61 2.61
CA GLN C 150 20.88 22.31 1.17
C GLN C 150 21.85 21.14 1.02
N GLU C 151 22.94 21.15 1.80
CA GLU C 151 23.96 20.07 1.77
C GLU C 151 23.25 18.75 2.12
N GLU C 152 22.38 18.77 3.14
CA GLU C 152 21.61 17.58 3.58
C GLU C 152 20.69 17.10 2.45
N CYS C 153 20.05 18.05 1.74
CA CYS C 153 19.02 17.76 0.70
C CYS C 153 19.73 17.07 -0.46
N LYS C 154 20.85 17.63 -0.92
CA LYS C 154 21.76 17.05 -1.94
C LYS C 154 22.18 15.63 -1.56
N LYS C 155 22.74 15.46 -0.36
CA LYS C 155 23.26 14.17 0.16
C LYS C 155 22.14 13.11 0.22
N LYS C 156 20.95 13.46 0.74
CA LYS C 156 19.85 12.50 1.01
C LYS C 156 18.93 12.32 -0.20
N GLY C 157 19.12 13.08 -1.28
CA GLY C 157 18.25 13.01 -2.47
C GLY C 157 16.84 13.53 -2.20
N LEU C 158 16.74 14.53 -1.32
CA LEU C 158 15.47 15.19 -0.94
C LEU C 158 15.26 16.45 -1.77
N PRO C 159 14.01 16.96 -1.81
CA PRO C 159 13.73 18.25 -2.43
C PRO C 159 14.51 19.36 -1.72
N TRP C 160 14.76 20.47 -2.44
CA TRP C 160 15.56 21.64 -1.97
C TRP C 160 14.64 22.65 -1.27
N THR C 161 13.39 22.27 -1.00
CA THR C 161 12.31 23.16 -0.54
C THR C 161 12.72 23.85 0.76
N LEU C 162 13.11 23.09 1.78
CA LEU C 162 13.48 23.71 3.08
C LEU C 162 14.72 24.58 2.91
N ALA C 163 15.58 24.32 1.93
CA ALA C 163 16.81 25.09 1.69
C ALA C 163 16.53 26.41 0.96
N LYS C 164 15.55 26.45 0.06
CA LYS C 164 15.43 27.52 -0.97
C LYS C 164 14.06 28.23 -0.95
N SER C 165 13.02 27.69 -0.31
CA SER C 165 11.60 28.04 -0.60
C SER C 165 10.86 28.55 0.62
N PHE C 166 11.55 28.98 1.68
CA PHE C 166 10.90 29.43 2.93
C PHE C 166 10.31 30.84 2.74
N THR C 167 9.47 31.25 3.68
CA THR C 167 8.90 32.61 3.75
C THR C 167 10.07 33.61 3.71
N SER C 168 9.96 34.64 2.85
CA SER C 168 10.91 35.77 2.67
C SER C 168 12.24 35.32 2.02
N SER C 169 12.32 34.13 1.44
CA SER C 169 13.56 33.59 0.81
C SER C 169 13.86 34.30 -0.52
N CYS C 170 13.03 35.27 -0.95
CA CYS C 170 13.25 36.01 -2.22
C CYS C 170 13.00 37.51 -2.06
N PRO C 171 13.86 38.22 -1.30
CA PRO C 171 13.88 39.67 -1.31
C PRO C 171 13.91 40.21 -2.73
N VAL C 172 13.22 41.29 -3.02
CA VAL C 172 12.99 41.77 -4.41
C VAL C 172 13.00 43.33 -4.44
N SER C 173 13.72 43.92 -5.40
CA SER C 173 13.82 45.40 -5.61
C SER C 173 12.53 45.93 -6.23
N ALA C 174 12.43 47.24 -6.40
CA ALA C 174 11.39 47.88 -7.23
C ALA C 174 11.53 47.30 -8.63
N PHE C 175 10.41 47.11 -9.32
CA PHE C 175 10.35 46.73 -10.75
C PHE C 175 11.18 47.73 -11.56
N VAL C 176 12.00 47.20 -12.48
CA VAL C 176 12.77 47.98 -13.48
C VAL C 176 12.15 47.67 -14.84
N PRO C 177 11.47 48.64 -15.51
CA PRO C 177 10.95 48.41 -16.85
C PRO C 177 12.04 47.99 -17.84
N LYS C 178 11.72 47.11 -18.78
CA LYS C 178 12.63 46.63 -19.86
C LYS C 178 13.35 47.81 -20.54
N GLU C 179 12.63 48.91 -20.79
CA GLU C 179 13.13 50.17 -21.41
C GLU C 179 14.46 50.61 -20.76
N LYS C 180 14.58 50.49 -19.44
CA LYS C 180 15.78 50.97 -18.68
C LYS C 180 16.99 50.05 -18.93
N ILE C 181 16.77 48.84 -19.46
CA ILE C 181 17.85 47.81 -19.64
C ILE C 181 17.83 47.27 -21.06
N PRO C 182 18.36 48.03 -22.03
CA PRO C 182 18.51 47.49 -23.39
C PRO C 182 19.38 46.21 -23.39
N ASP C 183 20.39 46.04 -22.50
CA ASP C 183 21.25 44.84 -22.47
C ASP C 183 21.38 44.26 -21.06
N PRO C 184 20.59 43.22 -20.74
CA PRO C 184 20.69 42.52 -19.47
C PRO C 184 22.04 41.84 -19.22
N HIS C 185 22.85 41.61 -20.26
CA HIS C 185 24.15 40.91 -20.15
C HIS C 185 25.30 41.92 -20.04
N ALA C 186 25.01 43.18 -19.73
CA ALA C 186 26.00 44.27 -19.63
C ALA C 186 25.76 45.04 -18.32
N LEU C 187 25.44 44.31 -17.24
CA LEU C 187 25.11 44.90 -15.91
C LEU C 187 26.16 44.46 -14.90
N ARG C 188 26.41 45.28 -13.88
CA ARG C 188 27.20 44.90 -12.68
C ARG C 188 26.23 44.75 -11.51
N LEU C 189 26.21 43.56 -10.89
CA LEU C 189 25.46 43.26 -9.63
C LEU C 189 26.46 43.37 -8.49
N TRP C 190 26.01 43.91 -7.35
CA TRP C 190 26.85 44.00 -6.13
C TRP C 190 25.97 43.77 -4.89
N LEU C 191 26.58 43.23 -3.84
CA LEU C 191 25.92 43.04 -2.52
C LEU C 191 26.92 43.37 -1.41
N LYS C 192 26.47 44.19 -0.46
CA LYS C 192 27.22 44.55 0.76
C LYS C 192 26.49 43.96 1.96
N VAL C 193 27.27 43.58 2.98
CA VAL C 193 26.75 43.20 4.32
C VAL C 193 27.40 44.18 5.30
N ASN C 194 26.58 44.92 6.04
CA ASN C 194 27.06 45.86 7.08
C ASN C 194 28.08 46.80 6.44
N GLY C 195 27.81 47.27 5.22
CA GLY C 195 28.63 48.24 4.47
C GLY C 195 29.84 47.63 3.76
N GLU C 196 30.09 46.34 3.91
CA GLU C 196 31.28 45.65 3.38
C GLU C 196 30.91 44.83 2.13
N LEU C 197 31.55 45.11 1.00
CA LEU C 197 31.25 44.44 -0.30
C LEU C 197 31.52 42.93 -0.16
N ARG C 198 30.59 42.07 -0.57
CA ARG C 198 30.71 40.59 -0.42
C ARG C 198 30.54 39.89 -1.76
N GLN C 199 29.61 40.35 -2.59
CA GLN C 199 29.46 39.82 -3.96
C GLN C 199 29.53 40.98 -4.94
N GLU C 200 30.22 40.72 -6.04
CA GLU C 200 30.25 41.56 -7.25
C GLU C 200 30.42 40.60 -8.42
N GLY C 201 29.81 40.92 -9.55
CA GLY C 201 29.93 40.18 -10.81
C GLY C 201 29.26 40.92 -11.95
N LYS C 202 29.63 40.58 -13.20
CA LYS C 202 28.99 41.10 -14.44
C LYS C 202 28.03 40.03 -14.95
N THR C 203 26.87 40.44 -15.43
CA THR C 203 25.91 39.51 -16.07
C THR C 203 26.44 39.04 -17.43
N SER C 204 27.55 39.59 -17.93
CA SER C 204 28.26 39.08 -19.14
C SER C 204 28.91 37.74 -18.84
N SER C 205 29.12 37.41 -17.55
CA SER C 205 29.80 36.17 -17.06
C SER C 205 28.81 35.01 -16.99
N MET C 206 27.52 35.25 -17.25
CA MET C 206 26.48 34.18 -17.24
C MET C 206 26.81 33.11 -18.27
N ILE C 207 26.68 31.85 -17.87
CA ILE C 207 27.02 30.67 -18.71
C ILE C 207 25.90 30.47 -19.73
N PHE C 208 24.65 30.57 -19.27
CA PHE C 208 23.41 30.47 -20.10
C PHE C 208 22.82 31.89 -20.18
N SER C 209 22.52 32.32 -21.40
CA SER C 209 21.97 33.67 -21.68
C SER C 209 20.52 33.72 -21.16
N ILE C 210 20.00 34.91 -20.97
CA ILE C 210 18.59 35.09 -20.54
C ILE C 210 17.65 34.57 -21.61
N PRO C 211 17.83 34.85 -22.92
CA PRO C 211 16.96 34.26 -23.93
C PRO C 211 16.98 32.74 -23.81
N TYR C 212 18.16 32.16 -23.59
CA TYR C 212 18.32 30.70 -23.46
C TYR C 212 17.48 30.21 -22.27
N ILE C 213 17.64 30.86 -21.11
CA ILE C 213 16.97 30.49 -19.83
C ILE C 213 15.46 30.54 -20.01
N ILE C 214 14.92 31.63 -20.55
CA ILE C 214 13.45 31.82 -20.74
C ILE C 214 12.93 30.68 -21.62
N SER C 215 13.67 30.36 -22.67
CA SER C 215 13.28 29.32 -23.65
C SER C 215 13.22 27.96 -22.95
N TYR C 216 14.30 27.60 -22.29
CA TYR C 216 14.46 26.27 -21.65
C TYR C 216 13.38 26.12 -20.57
N VAL C 217 13.30 27.08 -19.65
CA VAL C 217 12.29 27.08 -18.55
C VAL C 217 10.88 26.89 -19.14
N SER C 218 10.49 27.68 -20.16
CA SER C 218 9.12 27.71 -20.74
C SER C 218 8.79 26.38 -21.43
N LYS C 219 9.78 25.63 -21.89
CA LYS C 219 9.60 24.29 -22.49
C LYS C 219 9.16 23.28 -21.40
N ILE C 220 9.54 23.49 -20.15
CA ILE C 220 9.30 22.54 -19.00
C ILE C 220 8.11 23.04 -18.17
N ILE C 221 8.10 24.35 -17.88
CA ILE C 221 7.08 25.05 -17.06
C ILE C 221 6.53 26.20 -17.88
N THR C 222 5.24 26.15 -18.23
CA THR C 222 4.56 27.31 -18.86
C THR C 222 4.69 28.49 -17.86
N LEU C 223 5.08 29.67 -18.31
CA LEU C 223 5.17 30.88 -17.46
C LEU C 223 3.92 31.74 -17.69
N GLU C 224 3.39 32.34 -16.61
CA GLU C 224 2.30 33.33 -16.68
C GLU C 224 2.91 34.72 -16.67
N GLU C 225 2.16 35.69 -17.18
CA GLU C 225 2.43 37.15 -16.98
C GLU C 225 2.69 37.35 -15.48
N GLY C 226 3.82 37.92 -15.12
CA GLY C 226 4.19 38.21 -13.72
C GLY C 226 5.02 37.13 -13.06
N ASP C 227 5.21 35.97 -13.68
CA ASP C 227 6.23 34.97 -13.23
C ASP C 227 7.64 35.58 -13.33
N LEU C 228 8.52 35.16 -12.45
CA LEU C 228 9.89 35.72 -12.28
C LEU C 228 10.91 34.60 -12.38
N ILE C 229 12.00 34.84 -13.09
CA ILE C 229 13.12 33.88 -13.22
C ILE C 229 14.36 34.53 -12.63
N LEU C 230 14.92 33.92 -11.58
CA LEU C 230 16.23 34.29 -11.00
C LEU C 230 17.32 33.56 -11.81
N THR C 231 18.31 34.31 -12.28
CA THR C 231 19.26 33.90 -13.35
C THR C 231 20.62 33.55 -12.75
N GLY C 232 20.74 33.43 -11.44
CA GLY C 232 21.96 32.92 -10.79
C GLY C 232 22.75 34.04 -10.10
N THR C 233 23.75 33.62 -9.33
CA THR C 233 24.52 34.51 -8.44
C THR C 233 25.97 34.43 -8.85
N PRO C 234 26.70 35.56 -8.86
CA PRO C 234 28.15 35.53 -9.06
C PRO C 234 28.87 34.96 -7.82
N LYS C 235 30.21 34.93 -7.88
CA LYS C 235 31.09 34.53 -6.76
C LYS C 235 30.79 35.39 -5.51
N GLY C 236 31.14 34.87 -4.34
CA GLY C 236 31.19 35.65 -3.09
C GLY C 236 30.02 35.33 -2.17
N VAL C 237 29.22 34.30 -2.50
CA VAL C 237 28.08 33.91 -1.62
C VAL C 237 28.69 33.60 -0.25
N GLY C 238 27.95 33.91 0.82
CA GLY C 238 28.46 33.71 2.18
C GLY C 238 27.36 33.97 3.19
N PRO C 239 27.67 33.73 4.47
CA PRO C 239 26.65 33.73 5.52
C PRO C 239 26.23 35.13 5.96
N ILE C 240 25.07 35.18 6.63
CA ILE C 240 24.41 36.41 7.17
C ILE C 240 23.75 35.99 8.48
N LYS C 241 23.73 36.88 9.48
CA LYS C 241 23.23 36.55 10.86
C LYS C 241 22.15 37.56 11.23
N GLU C 242 21.37 37.27 12.28
CA GLU C 242 20.28 38.17 12.76
C GLU C 242 20.85 39.58 12.93
N ASN C 243 20.11 40.59 12.45
CA ASN C 243 20.38 42.04 12.66
C ASN C 243 21.42 42.55 11.66
N ASP C 244 21.92 41.70 10.75
CA ASP C 244 22.80 42.14 9.64
C ASP C 244 21.96 42.97 8.66
N GLU C 245 22.61 43.94 8.01
CA GLU C 245 22.01 44.87 7.04
C GLU C 245 22.56 44.52 5.65
N ILE C 246 21.68 44.23 4.70
CA ILE C 246 22.09 43.89 3.31
C ILE C 246 21.75 45.09 2.44
N GLU C 247 22.73 45.54 1.66
CA GLU C 247 22.52 46.48 0.54
C GLU C 247 22.98 45.77 -0.74
N ALA C 248 22.25 45.92 -1.84
CA ALA C 248 22.58 45.32 -3.14
C ALA C 248 22.03 46.22 -4.24
N GLY C 249 22.69 46.25 -5.40
CA GLY C 249 22.24 47.06 -6.54
C GLY C 249 22.73 46.51 -7.87
N ILE C 250 22.17 47.05 -8.93
CA ILE C 250 22.65 46.97 -10.35
C ILE C 250 23.20 48.36 -10.68
N ASP C 251 24.51 48.50 -10.92
CA ASP C 251 25.16 49.82 -11.06
C ASP C 251 24.35 50.67 -12.05
N GLY C 252 23.99 51.89 -11.64
CA GLY C 252 23.37 52.91 -12.51
C GLY C 252 21.92 52.60 -12.84
N VAL C 253 21.29 51.64 -12.16
CA VAL C 253 19.87 51.25 -12.43
C VAL C 253 19.06 51.19 -11.14
N VAL C 254 19.47 50.43 -10.11
CA VAL C 254 18.59 50.26 -8.91
C VAL C 254 19.39 49.74 -7.70
N SER C 255 18.98 50.09 -6.49
CA SER C 255 19.55 49.54 -5.24
C SER C 255 18.41 49.18 -4.28
N MET C 256 18.71 48.44 -3.21
CA MET C 256 17.72 47.95 -2.23
C MET C 256 18.44 47.63 -0.91
N ARG C 257 17.76 47.77 0.23
CA ARG C 257 18.26 47.46 1.59
C ARG C 257 17.31 46.46 2.25
N PHE C 258 17.85 45.50 3.00
CA PHE C 258 17.09 44.48 3.77
C PHE C 258 17.75 44.31 5.13
N LYS C 259 16.97 44.25 6.20
CA LYS C 259 17.50 43.82 7.51
C LYS C 259 17.11 42.35 7.71
N VAL C 260 18.02 41.55 8.26
CA VAL C 260 17.78 40.13 8.63
C VAL C 260 17.22 40.07 10.05
N LYS C 261 16.06 39.44 10.26
CA LYS C 261 15.36 39.38 11.57
C LYS C 261 14.99 37.92 11.84
N ARG C 262 14.48 37.63 13.04
CA ARG C 262 14.02 36.29 13.48
C ARG C 262 12.48 36.25 13.62
N SER C 263 11.91 35.05 13.62
CA SER C 263 10.46 34.72 13.84
C SER C 263 10.18 34.47 15.33
N LYS D 49 -12.24 36.09 -7.60
CA LYS D 49 -11.41 34.83 -7.42
C LYS D 49 -12.30 33.73 -6.84
N PRO D 50 -13.17 33.14 -7.68
CA PRO D 50 -14.07 32.08 -7.27
C PRO D 50 -13.34 30.81 -6.83
N LEU D 51 -13.71 30.24 -5.68
CA LEU D 51 -13.14 28.97 -5.20
C LEU D 51 -13.38 27.89 -6.26
N SER D 52 -14.54 27.92 -6.91
CA SER D 52 -14.97 26.87 -7.87
C SER D 52 -14.00 26.84 -9.07
N ARG D 53 -13.19 27.90 -9.26
CA ARG D 53 -12.19 27.99 -10.36
C ARG D 53 -10.81 28.31 -9.78
N PHE D 54 -10.45 27.65 -8.69
CA PHE D 54 -9.23 28.00 -7.89
C PHE D 54 -7.98 27.86 -8.75
N TRP D 55 -7.97 26.91 -9.70
CA TRP D 55 -6.81 26.67 -10.60
C TRP D 55 -6.55 27.88 -11.49
N GLU D 56 -7.54 28.70 -11.78
CA GLU D 56 -7.37 29.88 -12.66
C GLU D 56 -6.50 30.94 -11.97
N TRP D 57 -6.59 31.09 -10.65
CA TRP D 57 -5.98 32.23 -9.92
C TRP D 57 -5.04 31.77 -8.79
N GLY D 58 -5.14 30.52 -8.32
CA GLY D 58 -4.26 29.94 -7.30
C GLY D 58 -2.79 30.09 -7.64
N LYS D 59 -1.98 30.58 -6.69
CA LYS D 59 -0.56 30.88 -6.92
C LYS D 59 0.31 29.64 -6.72
N ASN D 60 0.14 28.91 -5.62
CA ASN D 60 1.13 27.91 -5.17
C ASN D 60 0.48 26.53 -5.01
N ILE D 61 1.25 25.48 -5.30
CA ILE D 61 0.89 24.08 -4.97
C ILE D 61 2.03 23.50 -4.15
N VAL D 62 1.74 22.97 -2.97
CA VAL D 62 2.74 22.30 -2.09
C VAL D 62 2.35 20.81 -2.02
N CYS D 63 3.32 19.90 -2.13
CA CYS D 63 3.02 18.43 -2.17
C CYS D 63 3.84 17.73 -1.10
N VAL D 64 3.24 16.76 -0.41
CA VAL D 64 4.01 15.93 0.56
C VAL D 64 4.54 14.73 -0.22
N GLY D 65 5.59 14.11 0.32
CA GLY D 65 6.20 12.90 -0.24
C GLY D 65 5.45 11.65 0.13
N ARG D 66 6.06 10.82 0.99
CA ARG D 66 5.48 9.54 1.44
C ARG D 66 4.61 9.86 2.65
N ASN D 67 3.28 9.70 2.50
CA ASN D 67 2.32 9.97 3.59
C ASN D 67 1.34 8.82 3.78
N TYR D 68 1.50 7.71 3.07
CA TYR D 68 0.58 6.56 3.20
C TYR D 68 1.32 5.33 3.73
N ALA D 69 0.72 4.72 4.76
CA ALA D 69 1.14 3.45 5.36
C ALA D 69 1.21 2.41 4.23
N ASP D 70 2.44 2.00 3.88
CA ASP D 70 2.77 0.78 3.10
C ASP D 70 3.38 -0.27 4.05
N SER D 81 11.14 12.62 12.14
CA SER D 81 10.59 12.34 10.78
C SER D 81 9.45 13.32 10.50
N GLU D 82 9.54 14.00 9.37
CA GLU D 82 8.56 15.00 8.89
C GLU D 82 8.21 14.68 7.44
N PRO D 83 7.06 15.18 6.92
CA PRO D 83 6.74 14.99 5.51
C PRO D 83 7.78 15.70 4.62
N VAL D 84 8.24 14.97 3.60
CA VAL D 84 9.06 15.54 2.50
C VAL D 84 8.12 16.50 1.77
N LEU D 85 8.60 17.69 1.40
CA LEU D 85 7.81 18.70 0.66
C LEU D 85 8.48 19.06 -0.64
N PHE D 86 7.69 19.19 -1.70
CA PHE D 86 8.12 19.83 -2.97
C PHE D 86 6.96 20.62 -3.55
N LEU D 87 7.30 21.53 -4.47
CA LEU D 87 6.42 22.54 -5.07
C LEU D 87 6.07 22.15 -6.50
N LYS D 88 4.86 22.50 -6.93
CA LYS D 88 4.48 22.61 -8.36
C LYS D 88 4.17 24.07 -8.65
N PRO D 89 4.46 24.56 -9.88
CA PRO D 89 4.03 25.91 -10.28
C PRO D 89 2.52 25.92 -10.58
N SER D 90 1.93 27.10 -10.67
CA SER D 90 0.47 27.25 -10.92
C SER D 90 0.12 26.56 -12.24
N THR D 91 1.06 26.56 -13.19
CA THR D 91 0.89 26.09 -14.59
C THR D 91 1.02 24.58 -14.66
N ALA D 92 1.27 23.91 -13.53
CA ALA D 92 1.11 22.44 -13.39
C ALA D 92 -0.38 22.10 -13.47
N TYR D 93 -1.30 22.97 -13.02
CA TYR D 93 -2.74 22.67 -13.03
C TYR D 93 -3.18 22.28 -14.46
N ALA D 94 -3.82 21.11 -14.56
CA ALA D 94 -4.56 20.64 -15.73
C ALA D 94 -6.02 20.49 -15.29
N PRO D 95 -6.85 21.54 -15.35
CA PRO D 95 -8.26 21.43 -14.99
C PRO D 95 -8.99 20.47 -15.92
N GLU D 96 -10.01 19.79 -15.40
CA GLU D 96 -10.72 18.77 -16.22
C GLU D 96 -11.20 19.47 -17.50
N GLY D 97 -11.03 18.82 -18.64
CA GLY D 97 -11.02 19.41 -20.01
C GLY D 97 -9.61 19.38 -20.61
N SER D 98 -8.58 19.55 -19.77
CA SER D 98 -7.14 19.60 -20.16
C SER D 98 -6.60 18.17 -20.28
N PRO D 99 -5.70 17.88 -21.24
CA PRO D 99 -4.92 16.65 -21.21
C PRO D 99 -3.72 16.75 -20.26
N VAL D 100 -3.19 15.62 -19.81
CA VAL D 100 -1.81 15.50 -19.26
C VAL D 100 -0.84 15.49 -20.44
N LEU D 101 0.12 16.40 -20.48
CA LEU D 101 1.12 16.56 -21.56
C LEU D 101 2.46 15.99 -21.11
N MET D 102 2.88 14.89 -21.73
CA MET D 102 4.16 14.18 -21.47
C MET D 102 5.29 15.08 -21.92
N PRO D 103 6.15 15.54 -20.99
CA PRO D 103 7.34 16.31 -21.36
C PRO D 103 8.20 15.50 -22.34
N ALA D 104 8.86 16.18 -23.28
CA ALA D 104 9.79 15.59 -24.28
C ALA D 104 10.81 14.65 -23.59
N TYR D 105 11.32 15.03 -22.41
CA TYR D 105 12.44 14.37 -21.69
C TYR D 105 11.96 13.14 -20.91
N CYS D 106 10.66 12.87 -20.88
CA CYS D 106 10.06 11.87 -19.96
C CYS D 106 9.96 10.48 -20.62
N ARG D 107 10.49 9.44 -19.96
CA ARG D 107 10.45 8.03 -20.43
C ARG D 107 9.48 7.19 -19.60
N ASN D 108 9.24 7.57 -18.33
CA ASN D 108 8.53 6.76 -17.32
C ASN D 108 7.57 7.65 -16.51
N LEU D 109 6.47 8.09 -17.13
CA LEU D 109 5.44 8.94 -16.46
C LEU D 109 4.61 8.09 -15.52
N HIS D 110 4.52 8.48 -14.25
CA HIS D 110 3.76 7.76 -13.20
C HIS D 110 2.57 8.60 -12.76
N HIS D 111 1.44 7.94 -12.47
CA HIS D 111 0.28 8.53 -11.75
C HIS D 111 0.47 8.42 -10.23
N GLU D 112 -0.03 9.42 -9.52
CA GLU D 112 -0.22 9.45 -8.04
C GLU D 112 -1.56 10.15 -7.75
N VAL D 113 -2.63 9.41 -7.43
CA VAL D 113 -3.89 10.03 -6.92
C VAL D 113 -3.61 10.57 -5.53
N GLU D 114 -4.05 11.80 -5.27
CA GLU D 114 -3.81 12.52 -4.00
C GLU D 114 -5.04 13.38 -3.69
N LEU D 115 -5.41 13.48 -2.43
CA LEU D 115 -6.37 14.50 -1.96
C LEU D 115 -5.64 15.84 -1.86
N GLY D 116 -6.16 16.87 -2.52
CA GLY D 116 -5.73 18.27 -2.41
C GLY D 116 -6.57 19.03 -1.40
N VAL D 117 -5.92 19.84 -0.56
CA VAL D 117 -6.58 20.71 0.45
C VAL D 117 -6.36 22.16 0.05
N LEU D 118 -7.45 22.88 -0.19
CA LEU D 118 -7.42 24.28 -0.65
C LEU D 118 -7.52 25.17 0.58
N LEU D 119 -6.61 26.13 0.71
CA LEU D 119 -6.69 27.13 1.78
C LEU D 119 -7.66 28.25 1.38
N GLY D 120 -8.59 28.58 2.29
CA GLY D 120 -9.55 29.67 2.16
C GLY D 120 -9.05 30.97 2.72
N LYS D 121 -7.97 31.00 3.50
CA LYS D 121 -7.40 32.28 4.02
C LYS D 121 -5.88 32.15 4.27
N ARG D 122 -5.19 33.29 4.26
CA ARG D 122 -3.72 33.38 4.47
C ARG D 122 -3.39 32.61 5.75
N GLY D 123 -2.35 31.80 5.72
CA GLY D 123 -1.95 31.00 6.91
C GLY D 123 -0.45 31.04 7.11
N GLU D 124 -0.02 31.66 8.20
CA GLU D 124 1.37 31.73 8.71
C GLU D 124 1.42 31.00 10.06
N ALA D 125 2.28 29.99 10.18
CA ALA D 125 2.42 29.14 11.39
C ALA D 125 1.03 28.86 11.98
N ILE D 126 0.14 28.28 11.17
CA ILE D 126 -1.22 27.87 11.59
C ILE D 126 -1.08 26.79 12.65
N PRO D 127 -1.72 26.95 13.84
CA PRO D 127 -1.76 25.86 14.80
C PRO D 127 -2.57 24.69 14.23
N GLU D 128 -2.08 23.47 14.50
CA GLU D 128 -2.72 22.19 14.14
C GLU D 128 -4.20 22.15 14.60
N ALA D 129 -4.51 22.65 15.79
CA ALA D 129 -5.87 22.60 16.39
C ALA D 129 -6.82 23.55 15.66
N ALA D 130 -6.30 24.61 15.02
CA ALA D 130 -7.08 25.61 14.26
C ALA D 130 -7.11 25.30 12.75
N ALA D 131 -6.25 24.39 12.30
CA ALA D 131 -5.88 24.22 10.87
C ALA D 131 -7.15 24.13 10.00
N MET D 132 -8.19 23.43 10.45
CA MET D 132 -9.37 23.12 9.61
C MET D 132 -10.18 24.40 9.36
N ASP D 133 -9.96 25.47 10.14
CA ASP D 133 -10.65 26.77 9.93
C ASP D 133 -10.07 27.47 8.69
N TYR D 134 -8.89 27.04 8.25
CA TYR D 134 -8.15 27.67 7.13
C TYR D 134 -8.49 26.97 5.80
N VAL D 135 -9.27 25.89 5.86
CA VAL D 135 -9.64 25.04 4.70
C VAL D 135 -10.95 25.53 4.06
N ALA D 136 -10.93 25.81 2.75
CA ALA D 136 -12.15 26.16 1.97
C ALA D 136 -12.79 24.89 1.46
N GLY D 137 -11.96 23.95 1.04
CA GLY D 137 -12.45 22.63 0.59
C GLY D 137 -11.31 21.84 0.00
N TYR D 138 -11.64 21.02 -1.00
CA TYR D 138 -10.78 19.94 -1.50
C TYR D 138 -10.82 19.90 -3.02
N ALA D 139 -9.82 19.24 -3.62
CA ALA D 139 -9.81 18.78 -5.01
C ALA D 139 -9.11 17.42 -5.11
N LEU D 140 -9.59 16.53 -5.96
CA LEU D 140 -8.84 15.30 -6.30
C LEU D 140 -7.78 15.68 -7.33
N CYS D 141 -6.54 15.29 -7.09
CA CYS D 141 -5.38 15.69 -7.92
C CYS D 141 -4.59 14.44 -8.32
N LEU D 142 -3.78 14.58 -9.37
CA LEU D 142 -2.73 13.60 -9.71
C LEU D 142 -1.39 14.30 -9.57
N ASP D 143 -0.50 13.72 -8.80
CA ASP D 143 0.89 14.17 -8.71
C ASP D 143 1.65 13.41 -9.82
N MET D 144 1.53 13.89 -11.05
CA MET D 144 2.16 13.26 -12.23
C MET D 144 3.67 13.42 -12.07
N THR D 145 4.38 12.30 -12.20
CA THR D 145 5.82 12.17 -11.88
C THR D 145 6.57 11.52 -13.06
N ALA D 146 7.61 12.19 -13.51
CA ALA D 146 8.65 11.62 -14.40
C ALA D 146 9.60 10.82 -13.49
N ARG D 147 9.32 9.53 -13.30
CA ARG D 147 9.91 8.68 -12.24
C ARG D 147 11.40 8.49 -12.51
N ASP D 148 11.82 8.29 -13.77
CA ASP D 148 13.26 8.03 -14.07
C ASP D 148 14.06 9.29 -13.76
N VAL D 149 13.53 10.45 -14.18
CA VAL D 149 14.14 11.78 -13.90
C VAL D 149 14.25 11.91 -12.38
N GLN D 150 13.24 11.49 -11.64
CA GLN D 150 13.23 11.59 -10.16
C GLN D 150 14.38 10.77 -9.58
N GLU D 151 14.58 9.55 -10.10
CA GLU D 151 15.69 8.67 -9.66
C GLU D 151 17.00 9.41 -9.90
N GLU D 152 17.15 10.08 -11.05
CA GLU D 152 18.37 10.87 -11.41
C GLU D 152 18.55 12.02 -10.40
N CYS D 153 17.45 12.67 -10.00
CA CYS D 153 17.45 13.87 -9.13
C CYS D 153 17.92 13.43 -7.75
N LYS D 154 17.34 12.36 -7.21
CA LYS D 154 17.76 11.68 -5.96
C LYS D 154 19.25 11.32 -5.98
N LYS D 155 19.68 10.59 -7.01
CA LYS D 155 21.08 10.11 -7.20
C LYS D 155 22.07 11.28 -7.26
N LYS D 156 21.75 12.33 -8.02
CA LYS D 156 22.69 13.47 -8.30
C LYS D 156 22.54 14.58 -7.26
N GLY D 157 21.60 14.48 -6.31
CA GLY D 157 21.35 15.52 -5.28
C GLY D 157 20.84 16.83 -5.88
N LEU D 158 20.06 16.74 -6.96
CA LEU D 158 19.48 17.88 -7.68
C LEU D 158 18.05 18.13 -7.21
N PRO D 159 17.49 19.31 -7.55
CA PRO D 159 16.09 19.59 -7.26
C PRO D 159 15.19 18.61 -8.02
N TRP D 160 13.95 18.42 -7.53
CA TRP D 160 12.94 17.48 -8.08
C TRP D 160 12.08 18.18 -9.13
N THR D 161 12.48 19.35 -9.59
CA THR D 161 11.68 20.23 -10.47
C THR D 161 11.31 19.51 -11.76
N LEU D 162 12.27 18.97 -12.49
CA LEU D 162 12.00 18.31 -13.79
C LEU D 162 11.15 17.06 -13.55
N ALA D 163 11.21 16.46 -12.35
CA ALA D 163 10.50 15.21 -12.03
C ALA D 163 9.04 15.50 -11.69
N LYS D 164 8.75 16.64 -11.04
CA LYS D 164 7.47 16.84 -10.33
C LYS D 164 6.72 18.11 -10.76
N SER D 165 7.36 19.04 -11.47
CA SER D 165 6.88 20.45 -11.60
C SER D 165 6.69 20.87 -13.05
N PHE D 166 6.53 19.95 -14.00
CA PHE D 166 6.36 20.29 -15.42
C PHE D 166 4.93 20.81 -15.66
N THR D 167 4.71 21.40 -16.84
CA THR D 167 3.38 21.83 -17.33
C THR D 167 2.46 20.60 -17.27
N SER D 168 1.27 20.77 -16.71
CA SER D 168 0.17 19.78 -16.59
C SER D 168 0.50 18.65 -15.60
N SER D 169 1.52 18.82 -14.75
CA SER D 169 1.94 17.79 -13.76
C SER D 169 0.94 17.70 -12.61
N CYS D 170 -0.14 18.50 -12.60
CA CYS D 170 -1.18 18.48 -11.52
C CYS D 170 -2.59 18.56 -12.08
N PRO D 171 -3.05 17.52 -12.79
CA PRO D 171 -4.47 17.37 -13.12
C PRO D 171 -5.33 17.56 -11.87
N VAL D 172 -6.48 18.21 -11.99
CA VAL D 172 -7.27 18.68 -10.83
C VAL D 172 -8.78 18.53 -11.13
N SER D 173 -9.53 17.98 -10.16
CA SER D 173 -10.99 17.77 -10.23
C SER D 173 -11.71 19.12 -10.05
N ALA D 174 -13.04 19.14 -10.20
CA ALA D 174 -13.88 20.27 -9.75
C ALA D 174 -13.61 20.49 -8.26
N PHE D 175 -13.61 21.73 -7.81
CA PHE D 175 -13.61 22.14 -6.38
C PHE D 175 -14.73 21.40 -5.64
N VAL D 176 -14.41 20.82 -4.49
CA VAL D 176 -15.40 20.22 -3.54
C VAL D 176 -15.43 21.11 -2.30
N PRO D 177 -16.54 21.84 -2.04
CA PRO D 177 -16.66 22.64 -0.83
C PRO D 177 -16.48 21.78 0.43
N LYS D 178 -15.89 22.35 1.48
CA LYS D 178 -15.64 21.67 2.78
C LYS D 178 -16.92 20.99 3.32
N GLU D 179 -18.07 21.64 3.18
CA GLU D 179 -19.43 21.13 3.58
C GLU D 179 -19.63 19.69 3.09
N LYS D 180 -19.21 19.38 1.87
CA LYS D 180 -19.44 18.05 1.22
C LYS D 180 -18.52 16.98 1.84
N ILE D 181 -17.52 17.35 2.64
CA ILE D 181 -16.54 16.41 3.26
C ILE D 181 -16.46 16.68 4.76
N PRO D 182 -17.42 16.12 5.53
CA PRO D 182 -17.36 16.12 6.99
C PRO D 182 -16.00 15.65 7.53
N ASP D 183 -15.44 14.57 6.98
CA ASP D 183 -14.18 13.94 7.50
C ASP D 183 -13.25 13.63 6.34
N PRO D 184 -12.22 14.47 6.09
CA PRO D 184 -11.22 14.20 5.08
C PRO D 184 -10.42 12.91 5.30
N HIS D 185 -10.37 12.38 6.52
CA HIS D 185 -9.61 11.14 6.84
C HIS D 185 -10.51 9.90 6.77
N ALA D 186 -11.67 10.00 6.12
CA ALA D 186 -12.65 8.90 6.00
C ALA D 186 -13.10 8.80 4.53
N LEU D 187 -12.18 8.99 3.60
CA LEU D 187 -12.45 8.98 2.14
C LEU D 187 -11.74 7.80 1.49
N ARG D 188 -12.34 7.24 0.43
CA ARG D 188 -11.65 6.26 -0.46
C ARG D 188 -11.28 6.96 -1.78
N LEU D 189 -9.99 6.97 -2.11
CA LEU D 189 -9.42 7.46 -3.38
C LEU D 189 -9.25 6.24 -4.29
N TRP D 190 -9.51 6.40 -5.60
CA TRP D 190 -9.28 5.33 -6.59
C TRP D 190 -8.76 5.94 -7.89
N LEU D 191 -8.00 5.17 -8.66
CA LEU D 191 -7.51 5.58 -9.99
C LEU D 191 -7.55 4.37 -10.93
N LYS D 192 -8.11 4.56 -12.12
CA LYS D 192 -8.13 3.59 -13.22
C LYS D 192 -7.27 4.10 -14.37
N VAL D 193 -6.63 3.17 -15.07
CA VAL D 193 -5.96 3.41 -16.37
C VAL D 193 -6.66 2.53 -17.39
N ASN D 194 -7.22 3.13 -18.45
CA ASN D 194 -7.85 2.36 -19.55
C ASN D 194 -8.91 1.44 -18.95
N GLY D 195 -9.68 1.91 -17.98
CA GLY D 195 -10.77 1.17 -17.34
C GLY D 195 -10.32 0.20 -16.27
N GLU D 196 -9.03 0.06 -16.03
CA GLU D 196 -8.47 -0.96 -15.09
C GLU D 196 -7.99 -0.29 -13.81
N LEU D 197 -8.53 -0.71 -12.67
CA LEU D 197 -8.20 -0.10 -11.36
C LEU D 197 -6.70 -0.30 -11.06
N ARG D 198 -5.97 0.74 -10.65
CA ARG D 198 -4.51 0.71 -10.41
C ARG D 198 -4.18 1.19 -9.00
N GLN D 199 -4.86 2.21 -8.51
CA GLN D 199 -4.70 2.66 -7.10
C GLN D 199 -6.08 2.66 -6.45
N GLU D 200 -6.12 2.23 -5.20
CA GLU D 200 -7.26 2.35 -4.27
C GLU D 200 -6.66 2.43 -2.86
N GLY D 201 -7.29 3.18 -1.96
CA GLY D 201 -6.76 3.43 -0.60
C GLY D 201 -7.60 4.42 0.15
N LYS D 202 -7.49 4.43 1.49
CA LYS D 202 -8.30 5.27 2.40
C LYS D 202 -7.40 6.41 2.89
N THR D 203 -7.94 7.62 3.04
CA THR D 203 -7.22 8.76 3.65
C THR D 203 -7.06 8.52 5.15
N SER D 204 -7.67 7.49 5.74
CA SER D 204 -7.40 7.06 7.14
C SER D 204 -5.99 6.45 7.26
N SER D 205 -5.37 6.06 6.14
CA SER D 205 -4.03 5.41 6.08
C SER D 205 -2.91 6.45 6.12
N MET D 206 -3.25 7.75 6.10
CA MET D 206 -2.26 8.85 6.11
C MET D 206 -1.44 8.80 7.40
N ILE D 207 -0.13 8.94 7.27
CA ILE D 207 0.83 8.90 8.40
C ILE D 207 0.77 10.23 9.15
N PHE D 208 0.75 11.34 8.40
CA PHE D 208 0.60 12.73 8.93
C PHE D 208 -0.79 13.21 8.55
N SER D 209 -1.54 13.68 9.55
CA SER D 209 -2.95 14.10 9.40
C SER D 209 -2.96 15.40 8.59
N ILE D 210 -4.12 15.75 8.06
CA ILE D 210 -4.27 17.02 7.29
C ILE D 210 -4.03 18.22 8.21
N PRO D 211 -4.58 18.28 9.44
CA PRO D 211 -4.26 19.39 10.34
C PRO D 211 -2.75 19.49 10.55
N TYR D 212 -2.08 18.33 10.74
CA TYR D 212 -0.62 18.30 10.96
C TYR D 212 0.09 18.91 9.74
N ILE D 213 -0.27 18.45 8.54
CA ILE D 213 0.38 18.87 7.26
C ILE D 213 0.24 20.39 7.07
N ILE D 214 -0.98 20.93 7.24
CA ILE D 214 -1.28 22.38 7.07
C ILE D 214 -0.38 23.15 8.05
N SER D 215 -0.29 22.66 9.27
CA SER D 215 0.48 23.32 10.36
C SER D 215 1.96 23.37 9.99
N TYR D 216 2.51 22.21 9.68
CA TYR D 216 3.96 22.05 9.39
C TYR D 216 4.35 22.91 8.20
N VAL D 217 3.62 22.74 7.09
CA VAL D 217 3.85 23.50 5.83
C VAL D 217 3.83 25.02 6.11
N SER D 218 2.80 25.52 6.80
CA SER D 218 2.57 26.97 7.04
C SER D 218 3.67 27.55 7.95
N LYS D 219 4.33 26.74 8.77
CA LYS D 219 5.47 27.18 9.62
C LYS D 219 6.70 27.49 8.74
N ILE D 220 6.81 26.83 7.57
CA ILE D 220 7.99 26.92 6.66
C ILE D 220 7.69 27.86 5.49
N ILE D 221 6.49 27.71 4.91
CA ILE D 221 5.96 28.49 3.76
C ILE D 221 4.62 29.10 4.15
N THR D 222 4.51 30.42 4.20
CA THR D 222 3.21 31.10 4.37
C THR D 222 2.30 30.65 3.19
N LEU D 223 1.06 30.26 3.46
CA LEU D 223 0.08 29.89 2.40
C LEU D 223 -0.87 31.06 2.14
N GLU D 224 -1.26 31.29 0.88
CA GLU D 224 -2.27 32.31 0.50
C GLU D 224 -3.62 31.61 0.32
N GLU D 225 -4.73 32.35 0.41
CA GLU D 225 -6.08 31.96 -0.08
C GLU D 225 -5.88 31.38 -1.48
N GLY D 226 -6.31 30.13 -1.71
CA GLY D 226 -6.25 29.51 -3.04
C GLY D 226 -5.01 28.66 -3.27
N ASP D 227 -4.03 28.70 -2.37
CA ASP D 227 -2.93 27.69 -2.34
C ASP D 227 -3.50 26.30 -2.05
N LEU D 228 -2.88 25.26 -2.62
CA LEU D 228 -3.34 23.85 -2.54
C LEU D 228 -2.22 22.98 -2.00
N ILE D 229 -2.57 22.05 -1.13
CA ILE D 229 -1.61 21.06 -0.55
C ILE D 229 -2.05 19.68 -0.99
N LEU D 230 -1.19 18.99 -1.73
CA LEU D 230 -1.37 17.56 -2.07
C LEU D 230 -0.79 16.72 -0.92
N THR D 231 -1.60 15.78 -0.42
CA THR D 231 -1.41 15.13 0.90
C THR D 231 -0.87 13.69 0.71
N GLY D 232 -0.46 13.31 -0.51
CA GLY D 232 0.23 12.04 -0.74
C GLY D 232 -0.64 11.04 -1.46
N THR D 233 -0.02 9.94 -1.89
CA THR D 233 -0.67 8.94 -2.76
C THR D 233 -0.63 7.61 -2.02
N PRO D 234 -1.72 6.83 -2.09
CA PRO D 234 -1.69 5.46 -1.60
C PRO D 234 -0.84 4.56 -2.51
N LYS D 235 -0.73 3.29 -2.13
CA LYS D 235 -0.11 2.17 -2.90
C LYS D 235 -0.67 2.15 -4.33
N GLY D 236 0.10 1.59 -5.26
CA GLY D 236 -0.38 1.25 -6.61
C GLY D 236 0.10 2.23 -7.68
N VAL D 237 0.98 3.18 -7.31
CA VAL D 237 1.57 4.09 -8.32
C VAL D 237 2.21 3.24 -9.42
N GLY D 238 2.13 3.71 -10.67
CA GLY D 238 2.73 2.98 -11.80
C GLY D 238 2.66 3.82 -13.07
N PRO D 239 3.20 3.26 -14.16
CA PRO D 239 3.45 4.02 -15.39
C PRO D 239 2.19 4.20 -16.24
N ILE D 240 2.28 5.16 -17.16
CA ILE D 240 1.22 5.58 -18.10
C ILE D 240 1.93 6.00 -19.40
N LYS D 241 1.30 5.73 -20.56
CA LYS D 241 1.92 5.96 -21.90
C LYS D 241 0.98 6.88 -22.70
N GLU D 242 1.46 7.41 -23.83
CA GLU D 242 0.68 8.30 -24.71
C GLU D 242 -0.65 7.63 -25.03
N ASN D 243 -1.73 8.38 -24.95
CA ASN D 243 -3.10 7.99 -25.39
C ASN D 243 -3.79 7.10 -24.33
N ASP D 244 -3.16 6.91 -23.16
CA ASP D 244 -3.82 6.24 -22.02
C ASP D 244 -4.89 7.19 -21.48
N GLU D 245 -5.97 6.62 -20.93
CA GLU D 245 -7.14 7.32 -20.34
C GLU D 245 -7.08 7.11 -18.82
N ILE D 246 -7.05 8.20 -18.07
CA ILE D 246 -7.00 8.13 -16.58
C ILE D 246 -8.37 8.55 -16.07
N GLU D 247 -8.97 7.73 -15.22
CA GLU D 247 -10.16 8.07 -14.41
C GLU D 247 -9.76 7.94 -12.94
N ALA D 248 -10.20 8.86 -12.09
CA ALA D 248 -9.89 8.83 -10.63
C ALA D 248 -11.03 9.51 -9.90
N GLY D 249 -11.33 9.07 -8.67
CA GLY D 249 -12.40 9.65 -7.86
C GLY D 249 -12.19 9.48 -6.37
N ILE D 250 -13.00 10.19 -5.60
CA ILE D 250 -13.26 10.04 -4.15
C ILE D 250 -14.67 9.44 -4.06
N ASP D 251 -14.82 8.24 -3.51
CA ASP D 251 -16.14 7.54 -3.51
C ASP D 251 -17.19 8.50 -2.92
N GLY D 252 -18.30 8.65 -3.65
CA GLY D 252 -19.49 9.41 -3.20
C GLY D 252 -19.33 10.92 -3.30
N VAL D 253 -18.23 11.41 -3.86
CA VAL D 253 -17.86 12.85 -3.78
C VAL D 253 -17.52 13.41 -5.17
N VAL D 254 -16.55 12.85 -5.88
CA VAL D 254 -16.10 13.49 -7.16
C VAL D 254 -15.32 12.47 -8.01
N SER D 255 -15.39 12.60 -9.33
CA SER D 255 -14.55 11.82 -10.26
C SER D 255 -14.07 12.76 -11.36
N MET D 256 -13.07 12.33 -12.13
CA MET D 256 -12.40 13.14 -13.16
C MET D 256 -11.74 12.23 -14.21
N ARG D 257 -11.63 12.67 -15.46
CA ARG D 257 -11.07 11.90 -16.60
C ARG D 257 -10.01 12.78 -17.27
N PHE D 258 -8.89 12.17 -17.65
CA PHE D 258 -7.76 12.85 -18.35
C PHE D 258 -7.26 11.88 -19.43
N LYS D 259 -6.96 12.39 -20.61
CA LYS D 259 -6.17 11.64 -21.61
C LYS D 259 -4.72 12.14 -21.52
N VAL D 260 -3.77 11.21 -21.66
CA VAL D 260 -2.31 11.50 -21.73
C VAL D 260 -1.95 11.75 -23.19
N LYS D 261 -1.32 12.89 -23.50
CA LYS D 261 -0.89 13.25 -24.87
C LYS D 261 0.59 13.67 -24.80
N ARG D 262 1.23 13.88 -25.95
CA ARG D 262 2.64 14.37 -26.05
C ARG D 262 2.67 15.82 -26.54
N SER D 263 3.71 16.60 -26.20
CA SER D 263 3.87 18.02 -26.59
C SER D 263 3.72 18.18 -28.12
MG MG E . -9.76 -20.22 6.12
MG MG F . 2.08 -27.27 -4.57
CL CL G . 11.99 -27.45 6.48
CL CL H . -3.14 -31.72 6.79
MG MG I . -9.91 -33.39 17.31
CL CL J . -14.62 -42.76 7.35
MG MG K . 21.50 30.90 -6.96
CL CL L . 13.15 20.60 -5.29
CL CL M . 20.89 25.81 7.07
MG MG N . 3.56 29.80 -7.32
MG MG O . 3.04 12.47 -4.20
CL CL P . 10.89 9.91 -16.74
#